data_8GV8
#
_entry.id   8GV8
#
_cell.length_a   1.00
_cell.length_b   1.00
_cell.length_c   1.00
_cell.angle_alpha   90.00
_cell.angle_beta   90.00
_cell.angle_gamma   90.00
#
_symmetry.space_group_name_H-M   'P 1'
#
loop_
_entity.id
_entity.type
_entity.pdbx_description
1 polymer 'Anion exchange protein 2'
2 non-polymer "2,2'-ethane-1,2-diylbis{5-[(sulfanylmethyl)amino]benzenesulfonic acid}"
#
_entity_poly.entity_id   1
_entity_poly.type   'polypeptide(L)'
_entity_poly.pdbx_seq_one_letter_code
;MSSAPRRPAKGADSFCTPEPESLGPGTPGFPEQEEDELHRTLGVERFEEILQEAGSRGGEEPGRSYGEEDFEYHRQSSHH
IHHPLSTHLPPDARRRKTPQGPGRKPRRRPGASPTGETPTIEEGEEDEDEASEAEGARALTQPSPVSTPSSVQFFLQEDD
SADRKAERTSPSSPAPLPHQEATPRASKGAQAGTQVEEAEAEAVAVASGTAGGDDGGASGRPLPKAQPGHRSYNLQERRR
IGSMTGAEQALLPRVPTDEIEAQTLATADLDLMKSHRFEDVPGVRRHLVRKNAKGSTQSGREGREPGPTPRARPRAPHKP
HEVFVELNELLLDKNQEPQWRETARWIKFEEDVEEETERWGKPHVASLSFRSLLELRRTLAHGAVLLDLDQQTLPGVAHQ
VVEQMVISDQIKAEDRANVLRALLLKHSHPSDEKDFSFPRNISAGSLGSLLGHHHGQGAESDPHVTEPLMGGVPETRLEV
ERERELPPPAPPAGITRSKSKHELKLLEKIPENAEATVVLVGCVEFLSRPTMAFVRLREAVELDAVLEVPVPVRFLFLLL
GPSSANMDYHEIGRSISTLMSDKQFHEAAYLADEREDLLTAINAFLDCSVVLPPSEVQGEELLRSVAHFQRQMLKKREEQ
GRLLPTGAGLEPKSAQDKALLQMVEAAGAAEDDPLRRTGRPFGGLIRDVRRRYPHYLSDFRDALDPQCLAAVIFIYFAAL
SPAITFGGLLGEKTQDLIGVSELIMSTALQGVVFCLLGAQPLLVIGFSGPLLVFEEAFFSFCSSNHLEYLVGRVWIGFWL
VFLALLMVALEGSFLVRFVSRFTQEIFAFLISLIFIYETFYKLVKIFQEHPLHGCSASNSSEVDGGENMTWAGARPTLGP
GNRSLAGQSGQGKPRGQPNTALLSLVLMAGTFFIAFFLRKFKNSRFFPGRIRRVIGDFGVPIAILIMVLVDYSIEDTYTQ
KLSVPSGFSVTAPEKRGWVINPLGEKSPFPVWMMVASLLPAILVFILIFMETQITTLIISKKERMLQKGSGFHLDLLLIV
AMGGICALFGLPWLAAATVRSVTHANALTVMSKAVAPGDKPKIQEVKEQRVTGLLVALLVGLSIVIGDLLRQIPLAVLFG
IFLYMGVTSLNGIQFYERLHLLLMPPKHHPDVTYVKKVRTLRMHLFTALQLLCLALLWAVMSTAASLAFPFILILTVPLR
MVVLTRIFTDREMKCLDANEAEPVFDEREGVDEYNEMPMPV
;
_entity_poly.pdbx_strand_id   A,B
#
loop_
_chem_comp.id
_chem_comp.type
_chem_comp.name
_chem_comp.formula
4KU non-polymer '2,2'-ethane-1,2-diylbis{5-[(sulfanylmethyl)amino]benzenesulfonic acid}' 'C16 H20 N2 O6 S4'
#
# COMPACT_ATOMS: atom_id res chain seq x y z
N ASP A 673 -31.24 6.73 -32.91
CA ASP A 673 -30.46 5.57 -33.34
C ASP A 673 -29.35 5.99 -34.31
N PRO A 674 -28.17 6.29 -33.77
CA PRO A 674 -27.04 6.68 -34.63
C PRO A 674 -26.63 5.58 -35.60
N LEU A 675 -26.78 4.31 -35.22
CA LEU A 675 -26.38 3.19 -36.08
C LEU A 675 -27.61 2.68 -36.82
N ARG A 676 -28.03 3.46 -37.84
CA ARG A 676 -29.15 3.09 -38.68
C ARG A 676 -28.80 3.43 -40.13
N ARG A 677 -29.27 2.61 -41.05
CA ARG A 677 -29.00 2.79 -42.48
C ARG A 677 -30.10 3.67 -43.06
N THR A 678 -29.75 4.92 -43.39
CA THR A 678 -30.72 5.86 -43.92
C THR A 678 -31.21 5.43 -45.31
N GLY A 679 -30.32 4.91 -46.14
CA GLY A 679 -30.65 4.57 -47.50
C GLY A 679 -30.25 5.57 -48.55
N ARG A 680 -29.48 6.59 -48.18
CA ARG A 680 -29.02 7.63 -49.08
C ARG A 680 -27.51 7.75 -49.00
N PRO A 681 -26.85 8.16 -50.07
CA PRO A 681 -25.38 8.29 -50.03
C PRO A 681 -24.95 9.36 -49.03
N PHE A 682 -23.93 9.01 -48.23
CA PHE A 682 -23.34 9.91 -47.24
C PHE A 682 -24.38 10.37 -46.21
N GLY A 683 -25.43 9.58 -45.99
CA GLY A 683 -26.45 9.98 -45.03
C GLY A 683 -25.94 10.02 -43.60
N GLY A 684 -25.18 9.00 -43.21
CA GLY A 684 -24.67 8.96 -41.85
C GLY A 684 -23.69 10.09 -41.56
N LEU A 685 -22.82 10.41 -42.52
CA LEU A 685 -21.87 11.49 -42.33
C LEU A 685 -22.59 12.82 -42.14
N ILE A 686 -23.59 13.10 -42.98
CA ILE A 686 -24.35 14.33 -42.87
C ILE A 686 -25.09 14.40 -41.54
N ARG A 687 -25.70 13.28 -41.13
CA ARG A 687 -26.41 13.26 -39.86
C ARG A 687 -25.47 13.52 -38.69
N ASP A 688 -24.28 12.90 -38.70
CA ASP A 688 -23.32 13.13 -37.62
C ASP A 688 -22.85 14.58 -37.59
N VAL A 689 -22.59 15.16 -38.76
CA VAL A 689 -22.17 16.56 -38.81
C VAL A 689 -23.27 17.46 -38.24
N ARG A 690 -24.51 17.24 -38.68
CA ARG A 690 -25.62 18.07 -38.21
C ARG A 690 -25.86 17.89 -36.71
N ARG A 691 -25.58 16.69 -36.19
CA ARG A 691 -25.78 16.46 -34.77
C ARG A 691 -24.69 17.11 -33.92
N ARG A 692 -23.44 17.10 -34.41
CA ARG A 692 -22.34 17.51 -33.54
C ARG A 692 -21.92 18.96 -33.72
N TYR A 693 -21.85 19.46 -34.95
CA TYR A 693 -21.22 20.76 -35.17
C TYR A 693 -21.97 21.94 -34.54
N PRO A 694 -23.30 21.93 -34.35
CA PRO A 694 -23.93 23.06 -33.64
C PRO A 694 -23.33 23.35 -32.27
N HIS A 695 -22.96 22.32 -31.51
CA HIS A 695 -22.35 22.51 -30.19
C HIS A 695 -20.84 22.68 -30.32
N TYR A 696 -20.43 23.78 -30.95
CA TYR A 696 -19.02 24.04 -31.21
C TYR A 696 -18.39 24.97 -30.18
N LEU A 697 -19.00 26.12 -29.90
CA LEU A 697 -18.45 27.04 -28.91
C LEU A 697 -18.55 26.47 -27.50
N SER A 698 -19.47 25.54 -27.26
CA SER A 698 -19.59 24.91 -25.95
C SER A 698 -18.34 24.14 -25.57
N ASP A 699 -17.70 23.47 -26.53
CA ASP A 699 -16.47 22.74 -26.24
C ASP A 699 -15.37 23.67 -25.74
N PHE A 700 -15.23 24.83 -26.37
CA PHE A 700 -14.20 25.77 -25.94
C PHE A 700 -14.56 26.51 -24.66
N ARG A 701 -15.80 26.54 -24.25
CA ARG A 701 -16.07 27.32 -23.05
C ARG A 701 -16.25 26.36 -21.92
N ASP A 702 -16.31 25.10 -22.21
CA ASP A 702 -16.29 24.11 -21.14
C ASP A 702 -14.90 23.90 -20.55
N ALA A 703 -13.84 24.21 -21.31
CA ALA A 703 -12.49 23.88 -20.90
C ALA A 703 -12.01 24.69 -19.70
N LEU A 704 -12.71 25.75 -19.31
CA LEU A 704 -12.30 26.59 -18.17
C LEU A 704 -12.64 25.85 -16.89
N ASP A 705 -11.72 24.98 -16.45
CA ASP A 705 -11.92 24.14 -15.28
C ASP A 705 -10.54 23.59 -14.87
N PRO A 706 -10.14 23.73 -13.61
CA PRO A 706 -8.79 23.27 -13.22
C PRO A 706 -8.60 21.76 -13.30
N GLN A 707 -9.65 20.99 -13.57
CA GLN A 707 -9.46 19.56 -13.84
C GLN A 707 -8.88 19.32 -15.22
N CYS A 708 -9.13 20.23 -16.17
CA CYS A 708 -8.59 20.10 -17.52
C CYS A 708 -7.07 20.21 -17.52
N LEU A 709 -6.51 21.08 -16.69
CA LEU A 709 -5.05 21.18 -16.60
C LEU A 709 -4.43 19.89 -16.09
N ALA A 710 -5.03 19.29 -15.06
CA ALA A 710 -4.54 18.02 -14.55
C ALA A 710 -4.66 16.93 -15.60
N ALA A 711 -5.77 16.90 -16.35
CA ALA A 711 -5.91 15.93 -17.42
C ALA A 711 -4.84 16.10 -18.49
N VAL A 712 -4.57 17.35 -18.87
CA VAL A 712 -3.55 17.62 -19.88
C VAL A 712 -2.19 17.13 -19.41
N ILE A 713 -1.82 17.46 -18.17
CA ILE A 713 -0.52 17.05 -17.66
C ILE A 713 -0.42 15.54 -17.57
N PHE A 714 -1.48 14.88 -17.12
CA PHE A 714 -1.46 13.43 -16.98
C PHE A 714 -1.34 12.74 -18.34
N ILE A 715 -2.08 13.22 -19.34
CA ILE A 715 -2.11 12.56 -20.64
C ILE A 715 -0.88 12.89 -21.48
N TYR A 716 -0.19 13.99 -21.19
CA TYR A 716 1.00 14.35 -21.97
C TYR A 716 2.05 13.24 -21.95
N PHE A 717 2.40 12.76 -20.75
CA PHE A 717 3.42 11.72 -20.65
C PHE A 717 2.92 10.40 -21.22
N ALA A 718 1.66 10.06 -20.95
CA ALA A 718 1.10 8.80 -21.44
C ALA A 718 1.05 8.77 -22.96
N ALA A 719 0.99 9.94 -23.60
CA ALA A 719 1.05 9.98 -25.06
C ALA A 719 2.48 10.07 -25.57
N LEU A 720 3.38 10.70 -24.80
CA LEU A 720 4.74 10.90 -25.29
C LEU A 720 5.56 9.62 -25.22
N SER A 721 5.46 8.87 -24.13
CA SER A 721 6.35 7.72 -23.93
C SER A 721 6.17 6.64 -24.99
N PRO A 722 4.95 6.18 -25.31
CA PRO A 722 4.82 5.18 -26.38
C PRO A 722 5.37 5.64 -27.71
N ALA A 723 5.28 6.94 -28.01
CA ALA A 723 5.87 7.46 -29.24
C ALA A 723 7.36 7.15 -29.30
N ILE A 724 8.08 7.46 -28.22
CA ILE A 724 9.52 7.23 -28.18
C ILE A 724 9.82 5.73 -28.26
N THR A 725 9.10 4.92 -27.48
CA THR A 725 9.38 3.49 -27.46
C THR A 725 9.16 2.85 -28.83
N PHE A 726 7.99 3.08 -29.42
CA PHE A 726 7.68 2.47 -30.71
C PHE A 726 8.50 3.07 -31.84
N GLY A 727 8.89 4.35 -31.74
CA GLY A 727 9.79 4.91 -32.72
C GLY A 727 11.16 4.24 -32.69
N GLY A 728 11.69 4.00 -31.49
CA GLY A 728 12.95 3.27 -31.38
C GLY A 728 12.84 1.87 -31.96
N LEU A 729 11.76 1.16 -31.61
CA LEU A 729 11.58 -0.20 -32.12
C LEU A 729 11.48 -0.22 -33.64
N LEU A 730 10.69 0.69 -34.21
CA LEU A 730 10.48 0.70 -35.65
C LEU A 730 11.74 1.16 -36.39
N GLY A 731 12.53 2.04 -35.77
CA GLY A 731 13.80 2.40 -36.35
C GLY A 731 14.78 1.24 -36.36
N GLU A 732 14.76 0.44 -35.29
CA GLU A 732 15.57 -0.77 -35.29
C GLU A 732 15.12 -1.76 -36.37
N LYS A 733 13.80 -1.89 -36.57
CA LYS A 733 13.25 -2.93 -37.43
C LYS A 733 13.10 -2.51 -38.88
N THR A 734 13.44 -1.26 -39.23
CA THR A 734 13.25 -0.80 -40.61
C THR A 734 14.52 -0.12 -41.13
N GLN A 735 15.67 -0.47 -40.56
CA GLN A 735 16.95 0.08 -40.96
C GLN A 735 16.94 1.61 -40.92
N ASP A 736 16.32 2.17 -39.89
CA ASP A 736 16.30 3.62 -39.66
C ASP A 736 15.70 4.38 -40.84
N LEU A 737 14.65 3.79 -41.43
CA LEU A 737 13.85 4.48 -42.44
C LEU A 737 12.70 5.26 -41.85
N ILE A 738 12.11 4.78 -40.75
CA ILE A 738 11.13 5.52 -39.97
C ILE A 738 11.59 5.49 -38.53
N GLY A 739 11.76 6.67 -37.92
CA GLY A 739 12.33 6.73 -36.60
C GLY A 739 11.43 7.31 -35.53
N VAL A 740 11.98 8.12 -34.67
CA VAL A 740 11.18 8.73 -33.59
C VAL A 740 11.14 10.15 -33.88
N SER A 741 11.20 10.54 -35.08
CA SER A 741 11.07 11.97 -35.26
C SER A 741 9.97 12.00 -36.25
N GLU A 742 9.60 10.85 -36.82
CA GLU A 742 8.52 10.68 -37.76
C GLU A 742 7.39 10.15 -36.97
N LEU A 743 7.52 9.51 -35.83
CA LEU A 743 6.43 9.11 -34.93
C LEU A 743 6.06 10.26 -34.06
N ILE A 744 6.81 11.26 -33.80
CA ILE A 744 6.44 12.34 -32.87
C ILE A 744 5.76 13.35 -33.74
N MET A 745 5.80 13.26 -35.05
CA MET A 745 5.24 14.26 -35.95
C MET A 745 4.08 13.70 -36.72
N SER A 746 3.72 12.47 -36.62
CA SER A 746 2.51 11.94 -37.17
C SER A 746 1.61 12.04 -36.01
N THR A 747 1.95 11.62 -34.83
CA THR A 747 1.16 11.77 -33.56
C THR A 747 0.76 13.16 -33.23
N ALA A 748 1.38 14.19 -33.69
CA ALA A 748 1.08 15.55 -33.31
C ALA A 748 0.38 16.34 -34.37
N LEU A 749 0.23 15.92 -35.58
CA LEU A 749 -0.33 16.69 -36.67
C LEU A 749 -1.55 15.97 -37.11
N GLN A 750 -1.70 14.71 -36.84
CA GLN A 750 -2.87 13.94 -37.18
C GLN A 750 -3.71 13.89 -35.96
N GLY A 751 -3.41 14.49 -34.88
CA GLY A 751 -4.27 14.57 -33.71
C GLY A 751 -4.62 15.98 -33.39
N VAL A 752 -4.17 17.01 -34.09
CA VAL A 752 -4.56 18.43 -34.01
C VAL A 752 -5.56 18.58 -35.12
N VAL A 753 -5.78 17.64 -36.02
CA VAL A 753 -6.87 17.70 -37.03
C VAL A 753 -7.92 16.65 -36.79
N PHE A 754 -8.01 16.03 -35.65
CA PHE A 754 -9.09 15.13 -35.28
C PHE A 754 -9.73 15.85 -34.14
N CYS A 755 -9.08 16.65 -33.38
CA CYS A 755 -9.76 17.47 -32.41
C CYS A 755 -10.15 18.74 -33.09
N LEU A 756 -9.46 19.18 -34.11
CA LEU A 756 -10.13 20.34 -34.71
C LEU A 756 -11.38 19.96 -35.47
N LEU A 757 -11.39 18.80 -36.16
CA LEU A 757 -12.51 18.45 -37.03
C LEU A 757 -13.17 17.12 -36.67
N GLY A 758 -12.97 16.61 -35.46
CA GLY A 758 -13.48 15.31 -35.09
C GLY A 758 -14.84 15.36 -34.42
N ALA A 759 -15.62 14.31 -34.64
CA ALA A 759 -16.93 14.19 -34.01
C ALA A 759 -16.80 13.78 -32.54
N GLN A 760 -15.84 12.91 -32.23
CA GLN A 760 -15.59 12.47 -30.86
C GLN A 760 -14.20 12.93 -30.45
N PRO A 761 -14.08 14.00 -29.66
CA PRO A 761 -12.76 14.53 -29.29
C PRO A 761 -12.14 13.91 -28.04
N LEU A 762 -12.71 12.84 -27.49
CA LEU A 762 -12.14 12.16 -26.35
C LEU A 762 -11.27 10.98 -26.74
N LEU A 763 -10.99 10.82 -28.03
CA LEU A 763 -10.16 9.74 -28.53
C LEU A 763 -8.73 10.21 -28.72
N VAL A 764 -7.78 9.37 -28.30
CA VAL A 764 -6.35 9.63 -28.46
C VAL A 764 -5.82 8.62 -29.45
N ILE A 765 -5.26 9.09 -30.56
CA ILE A 765 -4.80 8.25 -31.65
C ILE A 765 -3.29 8.18 -31.62
N GLY A 766 -2.74 6.99 -31.84
CA GLY A 766 -1.30 6.80 -31.81
C GLY A 766 -0.92 5.44 -32.34
N PHE A 767 0.38 5.18 -32.37
CA PHE A 767 0.90 3.93 -32.90
C PHE A 767 0.69 2.81 -31.89
N SER A 768 0.55 1.59 -32.40
CA SER A 768 0.25 0.43 -31.58
C SER A 768 1.01 -0.79 -32.10
N GLY A 769 0.86 -1.91 -31.40
CA GLY A 769 1.56 -3.13 -31.69
C GLY A 769 1.25 -3.80 -33.02
N PRO A 770 -0.05 -4.01 -33.31
CA PRO A 770 -0.39 -4.64 -34.60
C PRO A 770 0.12 -3.87 -35.81
N LEU A 771 0.11 -2.54 -35.74
CA LEU A 771 0.67 -1.74 -36.82
C LEU A 771 2.16 -2.00 -36.97
N LEU A 772 2.87 -2.13 -35.85
CA LEU A 772 4.30 -2.46 -35.91
C LEU A 772 4.53 -3.84 -36.54
N VAL A 773 3.69 -4.81 -36.18
CA VAL A 773 3.82 -6.15 -36.76
C VAL A 773 3.59 -6.10 -38.27
N PHE A 774 2.56 -5.37 -38.70
CA PHE A 774 2.32 -5.24 -40.14
C PHE A 774 3.48 -4.54 -40.84
N GLU A 775 4.03 -3.50 -40.22
CA GLU A 775 5.14 -2.77 -40.83
C GLU A 775 6.36 -3.67 -40.99
N GLU A 776 6.69 -4.45 -39.97
CA GLU A 776 7.86 -5.32 -40.09
C GLU A 776 7.63 -6.43 -41.13
N ALA A 777 6.41 -6.97 -41.18
CA ALA A 777 6.11 -7.98 -42.19
C ALA A 777 6.22 -7.41 -43.60
N PHE A 778 5.69 -6.20 -43.81
CA PHE A 778 5.77 -5.57 -45.13
C PHE A 778 7.21 -5.24 -45.50
N PHE A 779 8.01 -4.80 -44.51
CA PHE A 779 9.42 -4.52 -44.80
C PHE A 779 10.15 -5.80 -45.21
N SER A 780 9.87 -6.91 -44.52
CA SER A 780 10.48 -8.18 -44.90
C SER A 780 10.07 -8.59 -46.31
N PHE A 781 8.79 -8.44 -46.64
CA PHE A 781 8.31 -8.79 -47.98
C PHE A 781 8.98 -7.93 -49.04
N CYS A 782 9.09 -6.62 -48.80
CA CYS A 782 9.70 -5.73 -49.78
C CYS A 782 11.19 -6.02 -49.94
N SER A 783 11.89 -6.31 -48.84
CA SER A 783 13.30 -6.63 -48.93
C SER A 783 13.54 -7.93 -49.69
N SER A 784 12.66 -8.92 -49.49
CA SER A 784 12.82 -10.19 -50.17
C SER A 784 12.67 -10.05 -51.69
N ASN A 785 11.74 -9.21 -52.13
CA ASN A 785 11.40 -9.08 -53.54
C ASN A 785 12.10 -7.92 -54.24
N HIS A 786 13.06 -7.28 -53.59
CA HIS A 786 13.82 -6.17 -54.17
C HIS A 786 12.92 -5.01 -54.58
N LEU A 787 11.99 -4.64 -53.69
CA LEU A 787 11.10 -3.52 -53.93
C LEU A 787 11.43 -2.36 -52.99
N GLU A 788 10.86 -1.19 -53.30
CA GLU A 788 11.00 -0.02 -52.46
C GLU A 788 9.95 -0.04 -51.37
N TYR A 789 10.36 0.28 -50.14
CA TYR A 789 9.45 0.21 -49.00
C TYR A 789 8.62 1.49 -48.89
N LEU A 790 9.29 2.64 -48.82
CA LEU A 790 8.57 3.91 -48.68
C LEU A 790 7.71 4.19 -49.90
N VAL A 791 8.23 3.92 -51.10
CA VAL A 791 7.42 4.06 -52.30
C VAL A 791 6.29 3.03 -52.31
N GLY A 792 6.55 1.82 -51.79
CA GLY A 792 5.52 0.81 -51.75
C GLY A 792 4.35 1.15 -50.87
N ARG A 793 4.58 1.88 -49.77
CA ARG A 793 3.50 2.24 -48.86
C ARG A 793 2.57 3.31 -49.42
N VAL A 794 3.01 4.08 -50.43
CA VAL A 794 2.18 5.15 -50.98
C VAL A 794 0.94 4.57 -51.64
N TRP A 795 1.09 3.49 -52.40
CA TRP A 795 -0.06 2.89 -53.07
C TRP A 795 -1.00 2.25 -52.06
N ILE A 796 -0.45 1.69 -50.97
CA ILE A 796 -1.30 1.17 -49.90
C ILE A 796 -2.12 2.30 -49.29
N GLY A 797 -1.51 3.45 -49.08
CA GLY A 797 -2.26 4.59 -48.57
C GLY A 797 -3.35 5.06 -49.53
N PHE A 798 -3.04 5.08 -50.82
CA PHE A 798 -4.04 5.46 -51.82
C PHE A 798 -5.23 4.50 -51.81
N TRP A 799 -4.96 3.20 -51.75
CA TRP A 799 -6.04 2.22 -51.70
C TRP A 799 -6.82 2.34 -50.38
N LEU A 800 -6.14 2.68 -49.29
CA LEU A 800 -6.84 2.94 -48.04
C LEU A 800 -7.82 4.10 -48.17
N VAL A 801 -7.39 5.18 -48.81
CA VAL A 801 -8.26 6.33 -49.02
C VAL A 801 -9.46 5.93 -49.88
N PHE A 802 -9.20 5.16 -50.95
CA PHE A 802 -10.29 4.73 -51.82
C PHE A 802 -11.29 3.85 -51.07
N LEU A 803 -10.80 2.92 -50.26
CA LEU A 803 -11.69 2.04 -49.49
C LEU A 803 -12.50 2.84 -48.48
N ALA A 804 -11.88 3.81 -47.81
CA ALA A 804 -12.62 4.62 -46.85
C ALA A 804 -13.73 5.41 -47.54
N LEU A 805 -13.42 6.02 -48.69
CA LEU A 805 -14.44 6.76 -49.41
C LEU A 805 -15.57 5.85 -49.87
N LEU A 806 -15.24 4.66 -50.38
CA LEU A 806 -16.26 3.73 -50.83
C LEU A 806 -17.16 3.28 -49.68
N MET A 807 -16.56 3.02 -48.52
CA MET A 807 -17.35 2.53 -47.39
C MET A 807 -18.22 3.64 -46.81
N VAL A 808 -17.71 4.86 -46.74
CA VAL A 808 -18.51 5.97 -46.23
C VAL A 808 -19.65 6.29 -47.19
N ALA A 809 -19.39 6.20 -48.50
CA ALA A 809 -20.44 6.48 -49.47
C ALA A 809 -21.59 5.48 -49.35
N LEU A 810 -21.28 4.21 -49.11
CA LEU A 810 -22.30 3.18 -48.96
C LEU A 810 -22.80 3.05 -47.54
N GLU A 811 -22.38 3.94 -46.63
CA GLU A 811 -22.77 3.94 -45.21
C GLU A 811 -22.77 2.53 -44.62
N GLY A 812 -21.62 1.89 -44.74
CA GLY A 812 -21.41 0.55 -44.23
C GLY A 812 -20.99 0.46 -42.78
N SER A 813 -20.97 1.59 -42.07
CA SER A 813 -20.59 1.57 -40.65
C SER A 813 -21.73 1.12 -39.75
N PHE A 814 -22.89 0.77 -40.31
CA PHE A 814 -24.00 0.26 -39.50
C PHE A 814 -23.75 -1.17 -39.01
N LEU A 815 -22.71 -1.83 -39.50
CA LEU A 815 -22.40 -3.19 -39.06
C LEU A 815 -21.92 -3.25 -37.62
N VAL A 816 -21.63 -2.10 -37.01
CA VAL A 816 -21.23 -2.05 -35.60
C VAL A 816 -22.36 -2.47 -34.67
N ARG A 817 -23.62 -2.41 -35.03
CA ARG A 817 -24.77 -2.86 -34.25
C ARG A 817 -24.73 -4.33 -33.95
N PHE A 818 -23.92 -5.13 -34.58
CA PHE A 818 -23.85 -6.57 -34.36
C PHE A 818 -22.67 -6.94 -33.52
N VAL A 819 -21.90 -6.07 -32.91
CA VAL A 819 -20.79 -6.26 -31.95
C VAL A 819 -21.39 -5.98 -30.60
N SER A 820 -21.48 -6.95 -29.72
CA SER A 820 -22.19 -6.89 -28.46
C SER A 820 -21.34 -6.48 -27.36
N ARG A 821 -21.45 -7.14 -26.25
CA ARG A 821 -20.75 -6.77 -25.05
C ARG A 821 -20.04 -8.00 -24.71
N PHE A 822 -20.05 -9.04 -25.46
CA PHE A 822 -19.28 -10.25 -25.25
C PHE A 822 -18.06 -10.10 -26.05
N THR A 823 -17.98 -9.32 -27.11
CA THR A 823 -16.86 -9.20 -28.03
C THR A 823 -16.32 -7.88 -27.87
N GLN A 824 -16.63 -7.15 -26.88
CA GLN A 824 -16.02 -5.90 -26.68
C GLN A 824 -15.61 -5.80 -25.27
N GLU A 825 -15.78 -6.75 -24.37
CA GLU A 825 -15.30 -6.87 -22.97
C GLU A 825 -14.13 -7.81 -22.96
N ILE A 826 -14.06 -8.77 -23.79
CA ILE A 826 -12.84 -9.51 -24.15
C ILE A 826 -11.80 -8.50 -24.60
N PHE A 827 -11.86 -7.76 -25.68
CA PHE A 827 -10.96 -6.67 -26.02
C PHE A 827 -10.57 -5.79 -24.87
N ALA A 828 -11.38 -5.16 -24.13
CA ALA A 828 -10.93 -4.33 -23.04
C ALA A 828 -10.06 -5.10 -22.11
N PHE A 829 -10.51 -6.15 -21.52
CA PHE A 829 -9.61 -7.01 -20.73
C PHE A 829 -8.29 -7.33 -21.45
N LEU A 830 -8.19 -8.01 -22.57
CA LEU A 830 -6.88 -8.21 -23.20
C LEU A 830 -6.14 -6.92 -23.25
N ILE A 831 -6.55 -5.88 -23.87
CA ILE A 831 -5.65 -4.70 -23.91
C ILE A 831 -5.10 -4.27 -22.54
N SER A 832 -5.85 -4.15 -21.49
CA SER A 832 -5.30 -3.80 -20.17
C SER A 832 -4.41 -4.81 -19.58
N LEU A 833 -4.69 -6.04 -19.68
CA LEU A 833 -3.72 -7.04 -19.27
C LEU A 833 -2.49 -7.02 -20.10
N ILE A 834 -2.40 -6.89 -21.39
CA ILE A 834 -1.11 -6.77 -22.16
C ILE A 834 -0.40 -5.46 -21.94
N PHE A 835 -0.88 -4.50 -21.24
CA PHE A 835 -0.24 -3.24 -20.90
C PHE A 835 0.21 -3.32 -19.50
N ILE A 836 -0.19 -4.27 -18.73
CA ILE A 836 0.31 -4.51 -17.34
C ILE A 836 1.40 -5.59 -17.38
N TYR A 837 1.62 -6.41 -18.36
CA TYR A 837 2.73 -7.31 -18.61
C TYR A 837 3.92 -6.55 -19.12
N GLU A 838 3.87 -5.54 -19.94
CA GLU A 838 4.95 -4.82 -20.51
C GLU A 838 5.59 -3.91 -19.53
N THR A 839 4.96 -3.41 -18.52
CA THR A 839 5.56 -2.61 -17.41
C THR A 839 6.34 -3.51 -16.50
N PHE A 840 5.81 -4.65 -16.26
CA PHE A 840 6.58 -5.61 -15.49
C PHE A 840 7.76 -6.15 -16.25
N TYR A 841 7.69 -6.39 -17.50
CA TYR A 841 8.85 -6.76 -18.28
C TYR A 841 9.92 -5.70 -18.35
N LYS A 842 9.66 -4.46 -18.46
CA LYS A 842 10.67 -3.44 -18.37
C LYS A 842 11.43 -3.52 -17.05
N LEU A 843 10.75 -3.68 -15.94
CA LEU A 843 11.58 -3.92 -14.73
C LEU A 843 12.36 -5.23 -14.68
N VAL A 844 11.75 -6.34 -14.86
CA VAL A 844 12.53 -7.57 -14.98
C VAL A 844 13.74 -7.35 -15.83
N LYS A 845 13.78 -6.53 -16.82
CA LYS A 845 14.97 -6.42 -17.66
C LYS A 845 15.97 -5.38 -17.31
N ILE A 846 15.69 -4.40 -16.49
CA ILE A 846 16.64 -3.45 -15.79
C ILE A 846 17.31 -4.26 -14.75
N PHE A 847 16.83 -5.41 -14.35
CA PHE A 847 17.63 -6.12 -13.33
C PHE A 847 18.39 -7.21 -13.91
N GLN A 848 18.28 -7.48 -15.16
CA GLN A 848 19.06 -8.44 -15.98
C GLN A 848 20.24 -7.80 -16.64
N GLU A 849 20.21 -6.52 -16.97
CA GLU A 849 21.38 -5.81 -17.44
C GLU A 849 22.25 -5.41 -16.30
N HIS A 850 21.79 -4.78 -15.20
CA HIS A 850 22.45 -4.33 -13.98
C HIS A 850 22.21 -5.31 -12.86
N PRO A 851 22.88 -6.47 -12.74
CA PRO A 851 22.54 -7.45 -11.78
C PRO A 851 23.06 -7.26 -10.35
N LEU A 852 22.57 -7.85 -9.24
CA LEU A 852 23.07 -7.54 -7.90
C LEU A 852 24.29 -8.41 -7.62
N HIS A 853 25.45 -7.90 -8.04
CA HIS A 853 26.72 -8.60 -7.83
C HIS A 853 27.56 -7.95 -6.74
N GLY A 854 27.83 -6.65 -6.85
CA GLY A 854 28.58 -5.95 -5.82
C GLY A 854 30.08 -6.04 -6.01
N CYS A 855 30.75 -4.90 -6.03
CA CYS A 855 32.21 -4.86 -6.16
C CYS A 855 32.77 -3.54 -5.64
N LYS A 893 22.90 2.15 -21.26
CA LYS A 893 24.10 2.67 -21.90
C LYS A 893 25.35 2.28 -21.10
N PRO A 894 25.32 2.43 -19.77
CA PRO A 894 26.25 1.67 -18.94
C PRO A 894 25.67 0.29 -18.64
N ARG A 895 26.52 -0.60 -18.14
CA ARG A 895 26.10 -1.95 -17.77
C ARG A 895 26.83 -2.39 -16.52
N GLY A 896 26.13 -3.10 -15.64
CA GLY A 896 26.70 -3.60 -14.42
C GLY A 896 26.74 -2.63 -13.26
N GLN A 897 26.06 -1.48 -13.38
CA GLN A 897 26.12 -0.47 -12.34
C GLN A 897 25.44 -0.98 -11.06
N PRO A 898 25.92 -0.56 -9.89
CA PRO A 898 25.26 -0.92 -8.64
C PRO A 898 24.26 0.13 -8.19
N ASN A 899 23.32 -0.31 -7.35
CA ASN A 899 22.26 0.50 -6.74
C ASN A 899 21.25 1.02 -7.74
N THR A 900 21.28 0.59 -9.00
CA THR A 900 20.35 1.09 -10.00
C THR A 900 19.06 0.27 -10.04
N ALA A 901 19.17 -1.06 -10.08
CA ALA A 901 18.01 -1.91 -10.19
C ALA A 901 17.09 -1.81 -8.98
N LEU A 902 17.64 -1.54 -7.80
CA LEU A 902 16.81 -1.39 -6.61
C LEU A 902 16.24 0.01 -6.49
N LEU A 903 17.00 1.03 -6.89
CA LEU A 903 16.47 2.39 -6.88
C LEU A 903 15.32 2.55 -7.85
N SER A 904 15.39 1.88 -9.00
CA SER A 904 14.28 1.91 -9.94
C SER A 904 13.02 1.32 -9.33
N LEU A 905 13.16 0.19 -8.63
CA LEU A 905 12.02 -0.41 -7.93
C LEU A 905 11.47 0.54 -6.88
N VAL A 906 12.35 1.19 -6.13
CA VAL A 906 11.91 2.12 -5.09
C VAL A 906 11.11 3.27 -5.70
N LEU A 907 11.61 3.85 -6.78
CA LEU A 907 10.91 4.97 -7.41
C LEU A 907 9.56 4.54 -7.98
N MET A 908 9.51 3.38 -8.63
CA MET A 908 8.26 2.90 -9.20
C MET A 908 7.22 2.64 -8.11
N ALA A 909 7.62 1.96 -7.04
CA ALA A 909 6.70 1.68 -5.94
C ALA A 909 6.23 2.96 -5.27
N GLY A 910 7.14 3.92 -5.07
CA GLY A 910 6.75 5.17 -4.45
C GLY A 910 5.73 5.92 -5.28
N THR A 911 5.97 6.02 -6.59
CA THR A 911 5.02 6.71 -7.46
C THR A 911 3.66 6.04 -7.43
N PHE A 912 3.64 4.71 -7.54
CA PHE A 912 2.39 3.97 -7.59
C PHE A 912 1.60 4.14 -6.29
N PHE A 913 2.29 4.04 -5.15
CA PHE A 913 1.59 4.10 -3.87
C PHE A 913 1.13 5.52 -3.55
N ILE A 914 1.91 6.54 -3.94
CA ILE A 914 1.44 7.91 -3.77
C ILE A 914 0.21 8.17 -4.65
N ALA A 915 0.20 7.60 -5.86
CA ALA A 915 -0.95 7.76 -6.74
C ALA A 915 -2.22 7.20 -6.11
N PHE A 916 -2.16 5.95 -5.62
CA PHE A 916 -3.34 5.43 -4.93
C PHE A 916 -3.67 6.18 -3.63
N PHE A 917 -2.65 6.63 -2.88
CA PHE A 917 -2.96 7.35 -1.65
C PHE A 917 -3.74 8.62 -1.94
N LEU A 918 -3.34 9.38 -2.96
CA LEU A 918 -4.06 10.59 -3.30
C LEU A 918 -5.43 10.28 -3.91
N ARG A 919 -5.53 9.20 -4.67
CA ARG A 919 -6.82 8.79 -5.22
C ARG A 919 -7.81 8.46 -4.11
N LYS A 920 -7.35 7.75 -3.08
CA LYS A 920 -8.20 7.45 -1.93
C LYS A 920 -8.52 8.71 -1.13
N PHE A 921 -7.54 9.60 -0.96
CA PHE A 921 -7.77 10.84 -0.21
C PHE A 921 -8.80 11.72 -0.91
N LYS A 922 -8.91 11.63 -2.23
CA LYS A 922 -9.91 12.42 -2.94
C LYS A 922 -11.32 12.14 -2.46
N ASN A 923 -11.59 10.91 -2.03
CA ASN A 923 -12.92 10.50 -1.58
C ASN A 923 -13.06 10.46 -0.06
N SER A 924 -12.07 10.97 0.67
CA SER A 924 -12.08 10.89 2.13
C SER A 924 -12.99 11.97 2.72
N ARG A 925 -13.12 12.09 4.04
CA ARG A 925 -13.81 13.19 4.74
C ARG A 925 -12.90 14.23 5.33
N PHE A 926 -11.63 14.38 4.90
CA PHE A 926 -10.69 15.34 5.47
C PHE A 926 -10.62 16.60 4.64
N PHE A 927 -10.41 17.73 5.33
CA PHE A 927 -10.21 19.05 4.72
C PHE A 927 -11.48 19.55 4.05
N PRO A 928 -11.59 20.83 3.73
CA PRO A 928 -12.77 21.30 3.01
C PRO A 928 -12.92 20.64 1.65
N GLY A 929 -14.17 20.56 1.17
CA GLY A 929 -14.44 19.78 -0.03
C GLY A 929 -13.71 20.29 -1.25
N ARG A 930 -13.66 21.60 -1.45
CA ARG A 930 -13.04 22.16 -2.65
C ARG A 930 -11.54 21.90 -2.67
N ILE A 931 -10.86 22.12 -1.54
CA ILE A 931 -9.42 21.83 -1.47
C ILE A 931 -9.18 20.35 -1.64
N ARG A 932 -10.03 19.51 -1.03
CA ARG A 932 -9.87 18.07 -1.15
C ARG A 932 -9.97 17.63 -2.60
N ARG A 933 -10.96 18.13 -3.33
CA ARG A 933 -11.14 17.73 -4.72
C ARG A 933 -10.03 18.28 -5.61
N VAL A 934 -9.57 19.52 -5.34
CA VAL A 934 -8.48 20.08 -6.12
C VAL A 934 -7.20 19.26 -5.93
N ILE A 935 -6.91 18.88 -4.69
CA ILE A 935 -5.72 18.08 -4.43
C ILE A 935 -5.85 16.68 -5.03
N GLY A 936 -7.05 16.10 -4.96
CA GLY A 936 -7.24 14.78 -5.54
C GLY A 936 -7.15 14.77 -7.05
N ASP A 937 -7.53 15.88 -7.70
CA ASP A 937 -7.39 15.97 -9.15
C ASP A 937 -5.92 15.92 -9.57
N PHE A 938 -5.06 16.64 -8.85
CA PHE A 938 -3.62 16.67 -9.15
C PHE A 938 -2.85 15.61 -8.38
N GLY A 939 -3.28 14.35 -8.50
CA GLY A 939 -2.58 13.27 -7.82
C GLY A 939 -1.37 12.79 -8.58
N VAL A 940 -1.56 12.44 -9.85
CA VAL A 940 -0.46 11.98 -10.68
C VAL A 940 0.62 13.05 -10.85
N PRO A 941 0.29 14.31 -11.17
CA PRO A 941 1.36 15.32 -11.24
C PRO A 941 2.12 15.49 -9.93
N ILE A 942 1.43 15.44 -8.80
CA ILE A 942 2.11 15.59 -7.51
C ILE A 942 3.05 14.42 -7.26
N ALA A 943 2.59 13.20 -7.54
CA ALA A 943 3.46 12.03 -7.36
C ALA A 943 4.67 12.11 -8.28
N ILE A 944 4.47 12.51 -9.53
CA ILE A 944 5.58 12.61 -10.49
C ILE A 944 6.60 13.65 -10.01
N LEU A 945 6.12 14.81 -9.58
CA LEU A 945 7.03 15.86 -9.12
C LEU A 945 7.79 15.42 -7.88
N ILE A 946 7.10 14.79 -6.93
CA ILE A 946 7.76 14.35 -5.70
C ILE A 946 8.85 13.34 -6.01
N MET A 947 8.55 12.34 -6.85
CA MET A 947 9.56 11.33 -7.13
C MET A 947 10.70 11.86 -8.00
N VAL A 948 10.40 12.82 -8.89
CA VAL A 948 11.47 13.43 -9.67
C VAL A 948 12.41 14.20 -8.76
N LEU A 949 11.86 14.95 -7.78
CA LEU A 949 12.72 15.64 -6.82
C LEU A 949 13.53 14.65 -5.98
N VAL A 950 12.91 13.55 -5.56
CA VAL A 950 13.63 12.57 -4.76
C VAL A 950 14.80 11.98 -5.54
N ASP A 951 14.56 11.64 -6.81
CA ASP A 951 15.66 11.13 -7.64
C ASP A 951 16.73 12.19 -7.86
N TYR A 952 16.31 13.44 -8.06
CA TYR A 952 17.27 14.52 -8.29
C TYR A 952 18.15 14.77 -7.08
N SER A 953 17.63 14.49 -5.88
CA SER A 953 18.45 14.68 -4.67
C SER A 953 19.66 13.75 -4.67
N ILE A 954 19.48 12.49 -5.09
CA ILE A 954 20.59 11.54 -5.14
C ILE A 954 21.58 11.95 -6.21
N GLU A 955 22.87 11.79 -5.92
CA GLU A 955 23.94 12.31 -6.76
C GLU A 955 24.66 11.24 -7.58
N ASP A 956 25.18 10.20 -6.93
CA ASP A 956 26.11 9.29 -7.58
C ASP A 956 25.43 8.16 -8.35
N THR A 957 24.26 7.70 -7.90
CA THR A 957 23.60 6.57 -8.54
C THR A 957 23.15 6.93 -9.95
N TYR A 958 23.33 5.99 -10.87
CA TYR A 958 22.95 6.15 -12.26
C TYR A 958 21.58 5.55 -12.49
N THR A 959 20.69 6.33 -13.12
CA THR A 959 19.38 5.86 -13.53
C THR A 959 19.12 6.32 -14.96
N GLN A 960 18.51 5.45 -15.76
CA GLN A 960 18.17 5.80 -17.13
C GLN A 960 17.11 6.90 -17.15
N LYS A 961 17.26 7.83 -18.09
CA LYS A 961 16.43 9.02 -18.14
C LYS A 961 15.86 9.20 -19.53
N LEU A 962 14.74 9.92 -19.60
CA LEU A 962 14.00 10.07 -20.85
C LEU A 962 14.81 10.89 -21.85
N SER A 963 14.84 10.43 -23.10
CA SER A 963 15.62 11.06 -24.16
C SER A 963 14.76 11.25 -25.40
N VAL A 964 14.84 12.44 -25.98
CA VAL A 964 14.09 12.78 -27.20
C VAL A 964 15.09 13.25 -28.26
N PRO A 965 14.79 13.11 -29.54
CA PRO A 965 15.71 13.59 -30.57
C PRO A 965 15.79 15.11 -30.59
N SER A 966 16.87 15.61 -31.17
CA SER A 966 17.12 17.04 -31.27
C SER A 966 16.98 17.48 -32.72
N GLY A 967 16.17 18.52 -32.93
CA GLY A 967 15.95 19.07 -34.26
C GLY A 967 14.80 18.38 -34.99
N PHE A 968 14.23 19.13 -35.93
CA PHE A 968 13.13 18.65 -36.75
C PHE A 968 13.70 18.20 -38.09
N SER A 969 14.11 16.93 -38.15
CA SER A 969 14.69 16.39 -39.37
C SER A 969 14.51 14.87 -39.37
N VAL A 970 14.64 14.29 -40.57
CA VAL A 970 14.51 12.83 -40.69
C VAL A 970 15.71 12.15 -40.01
N THR A 971 15.50 10.90 -39.62
CA THR A 971 16.52 10.13 -38.94
C THR A 971 17.61 9.61 -39.87
N ALA A 972 17.36 9.57 -41.18
CA ALA A 972 18.34 9.12 -42.17
C ALA A 972 18.39 10.14 -43.31
N PRO A 973 19.06 11.27 -43.10
CA PRO A 973 19.06 12.33 -44.11
C PRO A 973 19.94 12.03 -45.32
N GLU A 974 20.57 10.85 -45.33
CA GLU A 974 21.42 10.48 -46.45
C GLU A 974 20.79 9.44 -47.38
N LYS A 975 19.66 8.85 -47.02
CA LYS A 975 18.98 7.86 -47.85
C LYS A 975 17.48 8.07 -47.90
N ARG A 976 16.99 9.27 -47.57
CA ARG A 976 15.57 9.52 -47.42
C ARG A 976 15.33 11.01 -47.53
N GLY A 977 14.08 11.36 -47.83
CA GLY A 977 13.67 12.75 -47.89
C GLY A 977 12.32 12.98 -47.24
N TRP A 978 11.80 14.20 -47.33
CA TRP A 978 10.51 14.52 -46.73
C TRP A 978 9.33 14.20 -47.65
N VAL A 979 9.54 14.15 -48.96
CA VAL A 979 8.49 13.84 -49.93
C VAL A 979 8.90 12.60 -50.70
N ILE A 980 8.00 11.62 -50.75
CA ILE A 980 8.25 10.36 -51.45
C ILE A 980 7.54 10.42 -52.80
N ASN A 981 8.30 10.19 -53.87
CA ASN A 981 7.73 10.21 -55.20
C ASN A 981 6.79 9.02 -55.38
N PRO A 982 5.57 9.22 -55.90
CA PRO A 982 4.68 8.08 -56.14
C PRO A 982 5.27 7.04 -57.08
N LEU A 983 6.01 7.47 -58.08
CA LEU A 983 6.73 6.55 -58.95
C LEU A 983 8.03 6.13 -58.28
N GLY A 984 8.92 5.49 -59.03
CA GLY A 984 10.18 5.04 -58.48
C GLY A 984 11.05 6.17 -57.95
N GLU A 985 11.54 6.04 -56.72
CA GLU A 985 12.41 7.06 -56.16
C GLU A 985 13.79 7.03 -56.80
N LYS A 986 14.35 5.83 -56.97
CA LYS A 986 15.63 5.64 -57.65
C LYS A 986 15.52 4.76 -58.88
N SER A 987 14.74 3.70 -58.82
CA SER A 987 14.48 2.81 -59.94
C SER A 987 12.97 2.68 -60.12
N PRO A 988 12.51 2.49 -61.35
CA PRO A 988 11.06 2.48 -61.60
C PRO A 988 10.34 1.40 -60.80
N PHE A 989 9.16 1.75 -60.30
CA PHE A 989 8.31 0.84 -59.52
C PHE A 989 7.51 -0.05 -60.46
N PRO A 990 7.48 -1.36 -60.24
CA PRO A 990 6.73 -2.24 -61.14
C PRO A 990 5.24 -1.91 -61.15
N VAL A 991 4.64 -2.03 -62.33
CA VAL A 991 3.22 -1.68 -62.48
C VAL A 991 2.34 -2.68 -61.75
N TRP A 992 2.72 -3.97 -61.76
CA TRP A 992 1.87 -4.99 -61.16
C TRP A 992 1.67 -4.78 -59.67
N MET A 993 2.68 -4.27 -58.96
CA MET A 993 2.52 -3.98 -57.54
C MET A 993 1.52 -2.86 -57.27
N MET A 994 1.39 -1.90 -58.19
CA MET A 994 0.44 -0.81 -58.01
C MET A 994 -0.99 -1.34 -57.86
N VAL A 995 -1.32 -2.43 -58.57
CA VAL A 995 -2.65 -3.01 -58.44
C VAL A 995 -2.68 -4.16 -57.45
N ALA A 996 -1.53 -4.79 -57.18
CA ALA A 996 -1.50 -5.86 -56.19
C ALA A 996 -1.44 -5.36 -54.76
N SER A 997 -1.23 -4.06 -54.56
CA SER A 997 -1.20 -3.50 -53.21
C SER A 997 -2.58 -3.40 -52.56
N LEU A 998 -3.62 -4.00 -53.12
CA LEU A 998 -4.96 -3.89 -52.54
C LEU A 998 -5.12 -4.75 -51.30
N LEU A 999 -4.49 -5.93 -51.27
CA LEU A 999 -4.65 -6.83 -50.12
C LEU A 999 -4.09 -6.26 -48.83
N PRO A 1000 -2.84 -5.76 -48.77
CA PRO A 1000 -2.38 -5.15 -47.51
C PRO A 1000 -3.22 -3.96 -47.09
N ALA A 1001 -3.75 -3.21 -48.07
CA ALA A 1001 -4.66 -2.12 -47.75
C ALA A 1001 -5.90 -2.65 -47.04
N ILE A 1002 -6.45 -3.77 -47.51
CA ILE A 1002 -7.61 -4.37 -46.87
C ILE A 1002 -7.27 -4.81 -45.45
N LEU A 1003 -6.09 -5.42 -45.27
CA LEU A 1003 -5.71 -5.89 -43.94
C LEU A 1003 -5.56 -4.74 -42.96
N VAL A 1004 -4.86 -3.68 -43.37
CA VAL A 1004 -4.65 -2.55 -42.47
C VAL A 1004 -5.97 -1.81 -42.23
N PHE A 1005 -6.85 -1.77 -43.24
CA PHE A 1005 -8.17 -1.18 -43.05
C PHE A 1005 -8.95 -1.95 -41.99
N ILE A 1006 -8.89 -3.29 -42.04
CA ILE A 1006 -9.60 -4.09 -41.05
C ILE A 1006 -9.04 -3.83 -39.66
N LEU A 1007 -7.71 -3.78 -39.53
CA LEU A 1007 -7.10 -3.51 -38.23
C LEU A 1007 -7.56 -2.16 -37.67
N ILE A 1008 -7.44 -1.10 -38.47
CA ILE A 1008 -7.78 0.24 -38.01
C ILE A 1008 -9.26 0.34 -37.67
N PHE A 1009 -10.10 -0.24 -38.53
CA PHE A 1009 -11.55 -0.20 -38.30
C PHE A 1009 -11.91 -0.88 -36.99
N MET A 1010 -11.42 -2.11 -36.78
CA MET A 1010 -11.75 -2.82 -35.55
C MET A 1010 -11.29 -2.03 -34.33
N GLU A 1011 -10.03 -1.58 -34.34
CA GLU A 1011 -9.50 -0.85 -33.19
C GLU A 1011 -10.34 0.38 -32.87
N THR A 1012 -10.55 1.24 -33.88
CA THR A 1012 -11.21 2.52 -33.64
C THR A 1012 -12.66 2.33 -33.26
N GLN A 1013 -13.38 1.45 -33.97
CA GLN A 1013 -14.80 1.27 -33.70
C GLN A 1013 -15.03 0.64 -32.33
N ILE A 1014 -14.22 -0.34 -31.95
CA ILE A 1014 -14.41 -0.95 -30.62
C ILE A 1014 -14.06 0.05 -29.52
N THR A 1015 -13.03 0.88 -29.74
CA THR A 1015 -12.72 1.90 -28.75
C THR A 1015 -13.86 2.90 -28.61
N THR A 1016 -14.44 3.32 -29.74
CA THR A 1016 -15.56 4.27 -29.68
C THR A 1016 -16.77 3.65 -29.00
N LEU A 1017 -17.02 2.36 -29.25
CA LEU A 1017 -18.12 1.67 -28.59
C LEU A 1017 -17.91 1.64 -27.08
N ILE A 1018 -16.69 1.33 -26.64
CA ILE A 1018 -16.41 1.25 -25.20
C ILE A 1018 -16.55 2.62 -24.56
N ILE A 1019 -16.06 3.68 -25.23
CA ILE A 1019 -16.09 5.01 -24.64
C ILE A 1019 -17.52 5.52 -24.50
N SER A 1020 -18.39 5.19 -25.46
CA SER A 1020 -19.71 5.77 -25.57
C SER A 1020 -20.80 4.93 -24.91
N LYS A 1021 -20.48 4.26 -23.81
CA LYS A 1021 -21.48 3.47 -23.11
C LYS A 1021 -22.53 4.38 -22.48
N LYS A 1022 -23.69 3.80 -22.17
CA LYS A 1022 -24.78 4.58 -21.57
C LYS A 1022 -24.49 4.91 -20.12
N GLU A 1023 -23.71 4.06 -19.43
CA GLU A 1023 -23.38 4.34 -18.04
C GLU A 1023 -22.58 5.63 -17.90
N ARG A 1024 -21.52 5.92 -18.64
CA ARG A 1024 -20.75 7.16 -18.65
C ARG A 1024 -21.60 8.23 -19.30
N MET A 1025 -22.05 9.26 -18.66
CA MET A 1025 -23.06 10.26 -19.01
C MET A 1025 -22.50 11.18 -20.10
N LEU A 1026 -22.53 10.68 -21.33
CA LEU A 1026 -22.14 11.46 -22.50
C LEU A 1026 -23.41 11.94 -23.20
N GLN A 1027 -23.50 13.25 -23.40
CA GLN A 1027 -24.73 13.88 -23.90
C GLN A 1027 -24.61 14.45 -25.30
N LYS A 1028 -23.47 15.03 -25.65
CA LYS A 1028 -23.34 15.68 -26.96
C LYS A 1028 -23.43 14.66 -28.09
N GLY A 1029 -22.83 13.49 -27.91
CA GLY A 1029 -22.95 12.43 -28.90
C GLY A 1029 -21.63 12.02 -29.52
N SER A 1030 -21.60 10.83 -30.11
CA SER A 1030 -20.43 10.29 -30.77
C SER A 1030 -20.68 10.16 -32.26
N GLY A 1031 -19.59 9.97 -33.01
CA GLY A 1031 -19.70 9.81 -34.44
C GLY A 1031 -19.03 8.54 -34.94
N PHE A 1032 -19.83 7.63 -35.51
CA PHE A 1032 -19.28 6.41 -36.09
C PHE A 1032 -18.94 6.57 -37.56
N HIS A 1033 -19.27 7.69 -38.17
CA HIS A 1033 -18.95 7.96 -39.56
C HIS A 1033 -17.89 9.04 -39.75
N LEU A 1034 -17.96 10.15 -39.02
CA LEU A 1034 -16.90 11.15 -39.11
C LEU A 1034 -15.83 10.91 -38.05
N ASP A 1035 -15.33 9.69 -38.14
CA ASP A 1035 -14.15 9.33 -37.37
C ASP A 1035 -13.56 8.10 -37.99
N LEU A 1036 -13.80 7.75 -39.22
CA LEU A 1036 -13.21 6.64 -39.97
C LEU A 1036 -13.09 7.16 -41.39
N LEU A 1037 -13.17 8.43 -41.58
CA LEU A 1037 -12.91 8.99 -42.88
C LEU A 1037 -11.85 9.97 -42.45
N LEU A 1038 -11.76 10.29 -41.19
CA LEU A 1038 -10.70 11.23 -40.84
C LEU A 1038 -9.51 10.43 -40.36
N ILE A 1039 -9.64 9.28 -39.76
CA ILE A 1039 -8.53 8.42 -39.36
C ILE A 1039 -7.96 7.59 -40.51
N VAL A 1040 -8.67 7.11 -41.51
CA VAL A 1040 -8.15 6.22 -42.56
C VAL A 1040 -7.95 7.05 -43.77
N ALA A 1041 -7.94 8.32 -43.65
CA ALA A 1041 -7.63 9.16 -44.80
C ALA A 1041 -6.66 10.25 -44.44
N MET A 1042 -6.30 10.46 -43.19
CA MET A 1042 -5.20 11.33 -42.81
C MET A 1042 -4.07 10.35 -42.78
N GLY A 1043 -4.25 9.19 -42.27
CA GLY A 1043 -3.24 8.13 -42.38
C GLY A 1043 -2.90 7.95 -43.81
N GLY A 1044 -3.63 7.26 -44.62
CA GLY A 1044 -3.39 7.20 -46.08
C GLY A 1044 -2.62 8.30 -46.77
N ILE A 1045 -2.82 9.55 -46.50
CA ILE A 1045 -2.17 10.65 -47.25
C ILE A 1045 -0.99 11.20 -46.50
N CYS A 1046 -0.74 10.80 -45.27
CA CYS A 1046 0.45 11.19 -44.52
C CYS A 1046 1.55 10.29 -44.99
N ALA A 1047 1.30 9.10 -45.42
CA ALA A 1047 2.30 8.18 -45.96
C ALA A 1047 2.80 8.54 -47.32
N LEU A 1048 2.70 9.74 -47.82
CA LEU A 1048 3.34 10.26 -49.04
C LEU A 1048 4.35 11.26 -48.54
N PHE A 1049 4.86 11.09 -47.33
CA PHE A 1049 5.73 12.07 -46.66
C PHE A 1049 6.44 11.19 -45.69
N GLY A 1050 6.25 9.92 -45.80
CA GLY A 1050 6.84 8.90 -44.97
C GLY A 1050 6.48 8.85 -43.53
N LEU A 1051 5.32 9.28 -43.16
CA LEU A 1051 4.90 9.15 -41.77
C LEU A 1051 4.04 7.90 -41.59
N PRO A 1052 4.05 7.32 -40.39
CA PRO A 1052 3.30 6.08 -40.17
C PRO A 1052 1.80 6.32 -40.06
N TRP A 1053 1.05 5.23 -40.11
CA TRP A 1053 -0.39 5.26 -39.91
C TRP A 1053 -0.70 5.27 -38.42
N LEU A 1054 -1.89 5.78 -38.08
CA LEU A 1054 -2.29 5.94 -36.70
C LEU A 1054 -3.70 5.40 -36.51
N ALA A 1055 -3.99 4.95 -35.28
CA ALA A 1055 -5.29 4.46 -34.91
C ALA A 1055 -5.55 4.81 -33.45
N ALA A 1056 -6.83 4.83 -33.08
CA ALA A 1056 -7.20 5.21 -31.73
C ALA A 1056 -6.65 4.20 -30.71
N ALA A 1057 -6.12 4.73 -29.62
CA ALA A 1057 -5.56 3.91 -28.54
C ALA A 1057 -6.62 3.68 -27.49
N THR A 1058 -6.77 2.42 -27.06
CA THR A 1058 -7.87 2.07 -26.16
C THR A 1058 -7.61 2.53 -24.73
N VAL A 1059 -6.47 2.14 -24.16
CA VAL A 1059 -6.18 2.48 -22.77
C VAL A 1059 -6.04 3.99 -22.60
N ARG A 1060 -5.36 4.65 -23.54
CA ARG A 1060 -5.20 6.09 -23.44
C ARG A 1060 -6.54 6.82 -23.56
N SER A 1061 -7.40 6.37 -24.48
CA SER A 1061 -8.72 6.99 -24.62
C SER A 1061 -9.56 6.78 -23.37
N VAL A 1062 -9.53 5.57 -22.80
CA VAL A 1062 -10.30 5.30 -21.60
C VAL A 1062 -9.81 6.15 -20.43
N THR A 1063 -8.49 6.26 -20.29
CA THR A 1063 -7.91 7.08 -19.23
C THR A 1063 -8.28 8.55 -19.41
N HIS A 1064 -8.20 9.05 -20.65
CA HIS A 1064 -8.57 10.43 -20.92
C HIS A 1064 -10.05 10.67 -20.62
N ALA A 1065 -10.90 9.69 -20.94
CA ALA A 1065 -12.32 9.85 -20.70
C ALA A 1065 -12.65 9.84 -19.21
N ASN A 1066 -12.04 8.94 -18.44
CA ASN A 1066 -12.35 8.83 -17.03
C ASN A 1066 -11.51 9.74 -16.14
N ALA A 1067 -10.60 10.52 -16.73
CA ALA A 1067 -9.90 11.56 -15.99
C ALA A 1067 -10.67 12.87 -15.96
N LEU A 1068 -11.81 12.95 -16.65
CA LEU A 1068 -12.65 14.13 -16.65
C LEU A 1068 -14.02 13.90 -16.03
N THR A 1069 -14.33 12.67 -15.64
CA THR A 1069 -15.64 12.39 -15.04
C THR A 1069 -15.76 13.02 -13.67
N VAL A 1070 -16.96 13.46 -13.34
CA VAL A 1070 -17.29 14.04 -12.04
C VAL A 1070 -18.25 13.11 -11.34
N MET A 1071 -17.88 12.67 -10.14
CA MET A 1071 -18.68 11.73 -9.37
C MET A 1071 -19.64 12.49 -8.47
N SER A 1072 -20.86 12.00 -8.27
CA SER A 1072 -21.93 12.65 -7.48
C SER A 1072 -21.57 12.79 -6.00
N LYS A 1073 -22.01 13.86 -5.34
CA LYS A 1073 -21.76 14.04 -3.88
C LYS A 1073 -22.71 13.11 -3.19
N ALA A 1074 -22.22 12.12 -2.46
CA ALA A 1074 -23.09 11.03 -1.98
C ALA A 1074 -23.94 11.33 -0.75
N VAL A 1075 -24.19 10.29 0.05
CA VAL A 1075 -25.06 10.39 1.24
C VAL A 1075 -24.49 9.47 2.33
N ALA A 1076 -24.49 8.15 2.10
CA ALA A 1076 -23.97 7.15 3.08
C ALA A 1076 -23.67 5.84 2.32
N PRO A 1077 -22.67 5.00 2.74
CA PRO A 1077 -22.34 3.70 2.08
C PRO A 1077 -23.44 2.83 1.48
N GLY A 1078 -23.07 2.05 0.47
CA GLY A 1078 -24.03 1.18 -0.25
C GLY A 1078 -23.49 1.01 -1.65
N ASP A 1079 -23.75 1.95 -2.57
CA ASP A 1079 -23.12 1.88 -3.91
C ASP A 1079 -22.03 2.92 -4.07
N LYS A 1080 -21.17 2.67 -5.05
CA LYS A 1080 -20.06 3.58 -5.35
C LYS A 1080 -20.71 4.79 -5.99
N PRO A 1081 -20.28 6.04 -5.71
CA PRO A 1081 -20.93 7.23 -6.21
C PRO A 1081 -21.17 7.05 -7.70
N LYS A 1082 -22.10 7.80 -8.24
CA LYS A 1082 -22.43 7.45 -9.61
C LYS A 1082 -21.86 8.56 -10.45
N ILE A 1083 -21.81 8.39 -11.76
CA ILE A 1083 -21.18 9.41 -12.59
C ILE A 1083 -22.25 10.44 -12.65
N GLN A 1084 -21.90 11.66 -12.53
CA GLN A 1084 -22.80 12.79 -12.73
C GLN A 1084 -22.64 13.41 -14.11
N GLU A 1085 -21.40 13.62 -14.55
CA GLU A 1085 -21.14 14.20 -15.86
C GLU A 1085 -19.75 13.80 -16.30
N VAL A 1086 -19.40 14.17 -17.54
CA VAL A 1086 -18.13 13.79 -18.13
C VAL A 1086 -17.24 14.97 -18.47
N LYS A 1087 -17.80 16.16 -18.74
CA LYS A 1087 -17.03 17.36 -19.04
C LYS A 1087 -16.18 17.18 -20.30
N GLU A 1088 -16.88 16.99 -21.42
CA GLU A 1088 -16.24 16.76 -22.70
C GLU A 1088 -16.00 18.08 -23.43
N GLN A 1089 -14.83 18.20 -24.06
CA GLN A 1089 -14.44 19.43 -24.75
C GLN A 1089 -13.38 19.09 -25.79
N ARG A 1090 -13.04 20.10 -26.59
CA ARG A 1090 -12.09 19.94 -27.70
C ARG A 1090 -10.72 20.55 -27.42
N VAL A 1091 -10.44 20.92 -26.18
CA VAL A 1091 -9.23 21.68 -25.85
C VAL A 1091 -8.13 20.77 -25.30
N THR A 1092 -8.49 19.80 -24.46
CA THR A 1092 -7.48 18.96 -23.82
C THR A 1092 -6.69 18.16 -24.85
N GLY A 1093 -7.39 17.53 -25.79
CA GLY A 1093 -6.70 16.75 -26.81
C GLY A 1093 -5.84 17.59 -27.72
N LEU A 1094 -6.35 18.76 -28.12
CA LEU A 1094 -5.57 19.66 -28.95
C LEU A 1094 -4.30 20.11 -28.24
N LEU A 1095 -4.42 20.47 -26.96
CA LEU A 1095 -3.25 20.90 -26.20
C LEU A 1095 -2.25 19.76 -26.04
N VAL A 1096 -2.73 18.54 -25.77
CA VAL A 1096 -1.83 17.41 -25.62
C VAL A 1096 -1.08 17.14 -26.93
N ALA A 1097 -1.80 17.17 -28.05
CA ALA A 1097 -1.16 16.95 -29.35
C ALA A 1097 -0.12 18.03 -29.64
N LEU A 1098 -0.46 19.29 -29.37
CA LEU A 1098 0.47 20.38 -29.61
C LEU A 1098 1.72 20.25 -28.73
N LEU A 1099 1.53 19.88 -27.46
CA LEU A 1099 2.66 19.69 -26.56
C LEU A 1099 3.56 18.55 -27.01
N VAL A 1100 2.96 17.44 -27.45
CA VAL A 1100 3.76 16.34 -27.99
C VAL A 1100 4.52 16.80 -29.22
N GLY A 1101 3.91 17.64 -30.04
CA GLY A 1101 4.59 18.14 -31.22
C GLY A 1101 5.79 19.02 -30.89
N LEU A 1102 5.62 19.94 -29.94
CA LEU A 1102 6.69 20.87 -29.57
C LEU A 1102 7.60 20.33 -28.48
N SER A 1103 7.54 19.03 -28.19
CA SER A 1103 8.42 18.44 -27.19
C SER A 1103 9.84 18.25 -27.69
N ILE A 1104 10.18 18.74 -28.88
CA ILE A 1104 11.54 18.63 -29.39
C ILE A 1104 12.37 19.85 -29.06
N VAL A 1105 11.80 21.05 -29.15
CA VAL A 1105 12.53 22.26 -28.78
C VAL A 1105 12.90 22.22 -27.29
N ILE A 1106 11.95 21.80 -26.45
CA ILE A 1106 12.26 21.47 -25.06
C ILE A 1106 12.78 20.03 -25.04
N GLY A 1107 13.30 19.60 -23.90
CA GLY A 1107 13.86 18.28 -23.80
C GLY A 1107 15.06 18.25 -22.88
N ASP A 1108 15.68 19.41 -22.67
CA ASP A 1108 16.61 19.53 -21.56
C ASP A 1108 15.89 19.38 -20.23
N LEU A 1109 14.60 19.76 -20.20
CA LEU A 1109 13.77 19.48 -19.05
C LEU A 1109 13.35 18.01 -19.01
N LEU A 1110 13.12 17.40 -20.18
CA LEU A 1110 12.68 16.02 -20.24
C LEU A 1110 13.78 15.02 -19.95
N ARG A 1111 15.04 15.41 -20.06
CA ARG A 1111 16.15 14.51 -19.73
C ARG A 1111 16.40 14.43 -18.24
N GLN A 1112 15.62 15.12 -17.42
CA GLN A 1112 15.72 15.06 -15.97
C GLN A 1112 14.73 14.08 -15.35
N ILE A 1113 13.91 13.42 -16.17
CA ILE A 1113 12.84 12.54 -15.72
C ILE A 1113 13.26 11.10 -15.97
N PRO A 1114 13.45 10.28 -14.94
CA PRO A 1114 13.77 8.87 -15.15
C PRO A 1114 12.58 8.10 -15.70
N LEU A 1115 12.89 6.97 -16.33
CA LEU A 1115 11.84 6.07 -16.83
C LEU A 1115 11.15 5.31 -15.71
N ALA A 1116 11.87 5.00 -14.63
CA ALA A 1116 11.29 4.19 -13.56
C ALA A 1116 10.12 4.89 -12.89
N VAL A 1117 10.11 6.23 -12.90
CA VAL A 1117 8.98 6.97 -12.34
C VAL A 1117 7.73 6.77 -13.19
N LEU A 1118 7.90 6.76 -14.52
CA LEU A 1118 6.76 6.62 -15.42
C LEU A 1118 6.17 5.22 -15.38
N PHE A 1119 6.95 4.23 -14.95
CA PHE A 1119 6.43 2.87 -14.87
C PHE A 1119 5.33 2.75 -13.82
N GLY A 1120 5.48 3.46 -12.70
CA GLY A 1120 4.42 3.47 -11.70
C GLY A 1120 3.15 4.11 -12.22
N ILE A 1121 3.27 5.19 -12.99
CA ILE A 1121 2.10 5.81 -13.59
C ILE A 1121 1.45 4.88 -14.61
N PHE A 1122 2.25 4.17 -15.39
CA PHE A 1122 1.70 3.22 -16.35
C PHE A 1122 0.95 2.08 -15.65
N LEU A 1123 1.51 1.59 -14.54
CA LEU A 1123 0.83 0.56 -13.77
C LEU A 1123 -0.46 1.10 -13.17
N TYR A 1124 -0.45 2.34 -12.70
CA TYR A 1124 -1.66 2.98 -12.20
C TYR A 1124 -2.73 3.04 -13.29
N MET A 1125 -2.34 3.45 -14.50
CA MET A 1125 -3.27 3.48 -15.62
C MET A 1125 -3.85 2.10 -15.90
N GLY A 1126 -2.97 1.08 -15.99
CA GLY A 1126 -3.44 -0.25 -16.30
C GLY A 1126 -4.39 -0.81 -15.27
N VAL A 1127 -4.09 -0.61 -13.99
CA VAL A 1127 -4.97 -1.11 -12.93
C VAL A 1127 -6.28 -0.35 -12.91
N THR A 1128 -6.22 0.98 -13.03
CA THR A 1128 -7.43 1.80 -12.98
C THR A 1128 -8.37 1.54 -14.15
N SER A 1129 -7.84 1.28 -15.35
CA SER A 1129 -8.68 1.08 -16.52
C SER A 1129 -9.49 -0.21 -16.46
N LEU A 1130 -9.20 -1.11 -15.53
CA LEU A 1130 -9.90 -2.40 -15.49
C LEU A 1130 -11.34 -2.25 -15.02
N ASN A 1131 -11.59 -1.38 -14.03
CA ASN A 1131 -12.92 -1.30 -13.45
C ASN A 1131 -13.90 -0.66 -14.43
N GLY A 1132 -15.15 -1.13 -14.39
CA GLY A 1132 -16.19 -0.66 -15.26
C GLY A 1132 -16.70 -1.68 -16.25
N ILE A 1133 -16.05 -2.84 -16.36
CA ILE A 1133 -16.45 -3.90 -17.29
C ILE A 1133 -16.98 -5.07 -16.47
N GLN A 1134 -18.01 -5.72 -16.98
CA GLN A 1134 -18.69 -6.77 -16.22
C GLN A 1134 -17.91 -8.07 -16.17
N PHE A 1135 -16.99 -8.30 -17.12
CA PHE A 1135 -16.22 -9.54 -17.11
C PHE A 1135 -15.30 -9.61 -15.91
N TYR A 1136 -14.71 -8.48 -15.53
CA TYR A 1136 -13.88 -8.45 -14.32
C TYR A 1136 -14.70 -8.73 -13.07
N GLU A 1137 -15.92 -8.18 -13.01
CA GLU A 1137 -16.79 -8.43 -11.87
C GLU A 1137 -17.19 -9.90 -11.79
N ARG A 1138 -17.52 -10.50 -12.93
CA ARG A 1138 -17.85 -11.92 -12.93
C ARG A 1138 -16.64 -12.80 -12.64
N LEU A 1139 -15.44 -12.31 -12.93
CA LEU A 1139 -14.23 -13.02 -12.50
C LEU A 1139 -14.07 -12.93 -10.99
N HIS A 1140 -14.40 -11.78 -10.40
CA HIS A 1140 -14.36 -11.63 -8.95
C HIS A 1140 -15.37 -12.55 -8.29
N LEU A 1141 -16.56 -12.69 -8.87
CA LEU A 1141 -17.61 -13.52 -8.29
C LEU A 1141 -17.26 -15.00 -8.24
N LEU A 1142 -16.23 -15.44 -8.96
CA LEU A 1142 -15.84 -16.85 -8.93
C LEU A 1142 -15.33 -17.24 -7.54
N LEU A 1143 -14.59 -16.36 -6.89
CA LEU A 1143 -13.95 -16.70 -5.62
C LEU A 1143 -14.85 -16.49 -4.42
N MET A 1144 -15.82 -15.59 -4.49
CA MET A 1144 -16.68 -15.32 -3.36
C MET A 1144 -17.71 -16.43 -3.21
N PRO A 1145 -18.11 -16.75 -1.97
CA PRO A 1145 -19.16 -17.75 -1.78
C PRO A 1145 -20.50 -17.21 -2.28
N PRO A 1146 -21.43 -18.10 -2.66
CA PRO A 1146 -22.64 -17.64 -3.34
C PRO A 1146 -23.57 -16.76 -2.51
N LYS A 1147 -23.33 -16.68 -1.20
CA LYS A 1147 -24.17 -15.87 -0.32
C LYS A 1147 -23.69 -14.43 -0.19
N HIS A 1148 -22.56 -14.08 -0.80
CA HIS A 1148 -22.04 -12.72 -0.76
C HIS A 1148 -22.15 -11.99 -2.09
N HIS A 1149 -22.84 -12.59 -3.07
CA HIS A 1149 -22.98 -11.94 -4.37
C HIS A 1149 -23.83 -10.68 -4.23
N PRO A 1150 -23.49 -9.61 -4.96
CA PRO A 1150 -24.27 -8.37 -4.85
C PRO A 1150 -25.65 -8.47 -5.48
N ASP A 1151 -26.45 -7.43 -5.33
CA ASP A 1151 -27.80 -7.40 -5.90
C ASP A 1151 -27.78 -6.76 -7.30
N VAL A 1152 -26.98 -7.31 -8.22
CA VAL A 1152 -27.06 -6.87 -9.61
C VAL A 1152 -28.13 -7.67 -10.35
N THR A 1153 -28.47 -7.20 -11.54
CA THR A 1153 -29.58 -7.80 -12.28
C THR A 1153 -29.20 -9.16 -12.86
N TYR A 1154 -27.92 -9.40 -13.12
CA TYR A 1154 -27.51 -10.65 -13.75
C TYR A 1154 -27.16 -11.74 -12.75
N VAL A 1155 -27.29 -11.50 -11.45
CA VAL A 1155 -27.10 -12.54 -10.44
C VAL A 1155 -28.47 -12.98 -9.92
N LYS A 1156 -29.38 -12.02 -9.78
CA LYS A 1156 -30.70 -12.33 -9.24
C LYS A 1156 -31.49 -13.23 -10.16
N LYS A 1157 -31.40 -13.02 -11.48
CA LYS A 1157 -32.23 -13.72 -12.45
C LYS A 1157 -31.51 -14.87 -13.14
N VAL A 1158 -30.26 -15.14 -12.77
CA VAL A 1158 -29.47 -16.20 -13.39
C VAL A 1158 -28.95 -17.13 -12.31
N ARG A 1159 -29.01 -18.44 -12.56
CA ARG A 1159 -28.50 -19.41 -11.61
C ARG A 1159 -26.99 -19.27 -11.46
N THR A 1160 -26.48 -19.66 -10.29
CA THR A 1160 -25.07 -19.50 -9.99
C THR A 1160 -24.18 -20.31 -10.91
N LEU A 1161 -24.57 -21.54 -11.24
CA LEU A 1161 -23.74 -22.43 -12.02
C LEU A 1161 -23.89 -22.24 -13.53
N ARG A 1162 -24.73 -21.29 -13.97
CA ARG A 1162 -24.85 -20.98 -15.39
C ARG A 1162 -24.32 -19.60 -15.73
N MET A 1163 -23.85 -18.84 -14.74
CA MET A 1163 -23.05 -17.65 -15.01
C MET A 1163 -21.56 -17.98 -14.99
N HIS A 1164 -21.16 -18.93 -14.15
CA HIS A 1164 -19.79 -19.42 -14.17
C HIS A 1164 -19.46 -20.08 -15.50
N LEU A 1165 -20.43 -20.76 -16.12
CA LEU A 1165 -20.20 -21.34 -17.45
C LEU A 1165 -19.96 -20.26 -18.49
N PHE A 1166 -20.73 -19.18 -18.46
CA PHE A 1166 -20.53 -18.07 -19.36
C PHE A 1166 -19.14 -17.46 -19.16
N THR A 1167 -18.75 -17.27 -17.90
CA THR A 1167 -17.42 -16.73 -17.62
C THR A 1167 -16.32 -17.67 -18.10
N ALA A 1168 -16.51 -18.98 -17.94
CA ALA A 1168 -15.52 -19.94 -18.38
C ALA A 1168 -15.36 -19.93 -19.90
N LEU A 1169 -16.48 -19.86 -20.63
CA LEU A 1169 -16.39 -19.79 -22.08
C LEU A 1169 -15.71 -18.50 -22.53
N GLN A 1170 -16.01 -17.38 -21.86
CA GLN A 1170 -15.37 -16.12 -22.22
C GLN A 1170 -13.86 -16.18 -21.94
N LEU A 1171 -13.48 -16.80 -20.82
CA LEU A 1171 -12.05 -16.98 -20.52
C LEU A 1171 -11.38 -17.88 -21.55
N LEU A 1172 -12.06 -18.92 -22.01
CA LEU A 1172 -11.50 -19.79 -23.04
C LEU A 1172 -11.26 -19.01 -24.33
N CYS A 1173 -12.23 -18.16 -24.71
CA CYS A 1173 -12.04 -17.34 -25.90
C CYS A 1173 -10.87 -16.38 -25.73
N LEU A 1174 -10.73 -15.76 -24.57
CA LEU A 1174 -9.62 -14.85 -24.33
C LEU A 1174 -8.28 -15.58 -24.38
N ALA A 1175 -8.21 -16.77 -23.80
CA ALA A 1175 -6.98 -17.55 -23.82
C ALA A 1175 -6.62 -17.96 -25.25
N LEU A 1176 -7.60 -18.36 -26.04
CA LEU A 1176 -7.34 -18.69 -27.44
C LEU A 1176 -6.83 -17.46 -28.21
N LEU A 1177 -7.42 -16.29 -27.93
CA LEU A 1177 -6.95 -15.07 -28.58
C LEU A 1177 -5.50 -14.77 -28.23
N TRP A 1178 -5.14 -14.90 -26.95
CA TRP A 1178 -3.77 -14.65 -26.52
C TRP A 1178 -2.81 -15.64 -27.16
N ALA A 1179 -3.19 -16.93 -27.19
CA ALA A 1179 -2.32 -17.94 -27.79
C ALA A 1179 -2.11 -17.69 -29.27
N VAL A 1180 -3.16 -17.29 -29.99
CA VAL A 1180 -3.02 -16.99 -31.41
C VAL A 1180 -2.16 -15.75 -31.60
N MET A 1181 -2.28 -14.77 -30.70
CA MET A 1181 -1.48 -13.55 -30.81
C MET A 1181 -0.01 -13.84 -30.57
N SER A 1182 0.30 -14.81 -29.71
CA SER A 1182 1.68 -15.07 -29.31
C SER A 1182 2.41 -16.04 -30.25
N THR A 1183 1.75 -16.59 -31.27
CA THR A 1183 2.39 -17.55 -32.15
C THR A 1183 3.03 -16.82 -33.33
N ALA A 1184 3.50 -17.58 -34.33
CA ALA A 1184 4.17 -17.01 -35.48
C ALA A 1184 3.21 -16.42 -36.51
N ALA A 1185 1.91 -16.64 -36.36
CA ALA A 1185 0.89 -16.07 -37.24
C ALA A 1185 -0.04 -15.22 -36.37
N SER A 1186 0.37 -13.97 -36.15
CA SER A 1186 -0.38 -13.04 -35.31
C SER A 1186 -1.15 -12.00 -36.10
N LEU A 1187 -1.09 -12.04 -37.44
CA LEU A 1187 -1.84 -11.11 -38.25
C LEU A 1187 -3.28 -11.56 -38.50
N ALA A 1188 -3.64 -12.77 -38.09
CA ALA A 1188 -5.00 -13.25 -38.16
C ALA A 1188 -5.80 -12.94 -36.90
N PHE A 1189 -5.23 -12.16 -35.98
CA PHE A 1189 -5.94 -11.80 -34.75
C PHE A 1189 -7.23 -11.04 -35.00
N PRO A 1190 -7.29 -10.03 -35.89
CA PRO A 1190 -8.58 -9.38 -36.14
C PRO A 1190 -9.66 -10.31 -36.65
N PHE A 1191 -9.30 -11.29 -37.49
CA PHE A 1191 -10.30 -12.24 -37.98
C PHE A 1191 -10.78 -13.17 -36.87
N ILE A 1192 -9.88 -13.62 -36.00
CA ILE A 1192 -10.30 -14.45 -34.87
C ILE A 1192 -11.21 -13.66 -33.94
N LEU A 1193 -10.92 -12.37 -33.74
CA LEU A 1193 -11.81 -11.52 -32.95
C LEU A 1193 -13.16 -11.36 -33.62
N ILE A 1194 -13.18 -11.20 -34.94
CA ILE A 1194 -14.43 -11.08 -35.67
C ILE A 1194 -15.25 -12.35 -35.56
N LEU A 1195 -14.59 -13.51 -35.52
CA LEU A 1195 -15.31 -14.78 -35.46
C LEU A 1195 -16.11 -14.96 -34.18
N THR A 1196 -15.88 -14.12 -33.16
CA THR A 1196 -16.68 -14.23 -31.94
C THR A 1196 -18.13 -13.83 -32.16
N VAL A 1197 -18.39 -12.92 -33.10
CA VAL A 1197 -19.77 -12.50 -33.37
C VAL A 1197 -20.62 -13.66 -33.89
N PRO A 1198 -20.21 -14.43 -34.91
CA PRO A 1198 -20.99 -15.62 -35.28
C PRO A 1198 -21.10 -16.63 -34.14
N LEU A 1199 -20.06 -16.75 -33.30
CA LEU A 1199 -20.16 -17.64 -32.15
C LEU A 1199 -21.33 -17.26 -31.25
N ARG A 1200 -21.40 -15.99 -30.85
CA ARG A 1200 -22.50 -15.51 -30.02
C ARG A 1200 -23.84 -15.64 -30.75
N MET A 1201 -23.87 -15.38 -32.05
CA MET A 1201 -25.15 -15.39 -32.75
C MET A 1201 -25.65 -16.78 -33.10
N VAL A 1202 -24.79 -17.81 -33.03
CA VAL A 1202 -25.23 -19.16 -33.40
C VAL A 1202 -25.05 -20.14 -32.26
N VAL A 1203 -23.80 -20.34 -31.82
CA VAL A 1203 -23.50 -21.45 -30.92
C VAL A 1203 -24.04 -21.19 -29.53
N LEU A 1204 -23.80 -19.98 -29.00
CA LEU A 1204 -24.24 -19.66 -27.64
C LEU A 1204 -25.75 -19.54 -27.53
N THR A 1205 -26.45 -19.38 -28.66
CA THR A 1205 -27.91 -19.32 -28.62
C THR A 1205 -28.50 -20.67 -28.22
N ARG A 1206 -27.92 -21.77 -28.70
CA ARG A 1206 -28.44 -23.09 -28.39
C ARG A 1206 -28.22 -23.45 -26.91
N ILE A 1207 -27.05 -23.11 -26.37
CA ILE A 1207 -26.71 -23.55 -25.02
C ILE A 1207 -27.57 -22.84 -23.98
N PHE A 1208 -27.72 -21.53 -24.11
CA PHE A 1208 -28.43 -20.73 -23.12
C PHE A 1208 -29.83 -20.38 -23.61
N THR A 1209 -30.74 -20.20 -22.67
CA THR A 1209 -32.10 -19.80 -23.01
C THR A 1209 -32.14 -18.30 -23.31
N ASP A 1210 -33.31 -17.84 -23.75
CA ASP A 1210 -33.46 -16.44 -24.15
C ASP A 1210 -33.28 -15.51 -22.95
N ARG A 1211 -33.87 -15.86 -21.81
CA ARG A 1211 -33.78 -14.98 -20.63
C ARG A 1211 -32.34 -14.86 -20.14
N GLU A 1212 -31.61 -15.97 -20.11
CA GLU A 1212 -30.22 -15.94 -19.63
C GLU A 1212 -29.35 -15.06 -20.54
N MET A 1213 -29.49 -15.22 -21.86
CA MET A 1213 -28.71 -14.39 -22.77
C MET A 1213 -29.11 -12.92 -22.69
N LYS A 1214 -30.41 -12.65 -22.52
CA LYS A 1214 -30.86 -11.27 -22.41
C LYS A 1214 -30.31 -10.61 -21.16
N CYS A 1215 -30.26 -11.35 -20.05
CA CYS A 1215 -29.80 -10.76 -18.79
C CYS A 1215 -28.27 -10.68 -18.74
N LEU A 1216 -27.57 -11.64 -19.32
CA LEU A 1216 -26.12 -11.72 -19.14
C LEU A 1216 -25.40 -10.62 -19.90
N ASP A 1217 -25.59 -10.72 -21.23
CA ASP A 1217 -25.15 -9.70 -22.20
C ASP A 1217 -26.28 -8.80 -22.63
N ALA A 1218 -26.37 -7.61 -22.11
CA ALA A 1218 -27.46 -6.68 -22.33
C ALA A 1218 -26.89 -5.37 -22.80
N ASN A 1219 -27.59 -4.68 -23.67
CA ASN A 1219 -27.10 -3.44 -24.26
C ASN A 1219 -26.93 -2.36 -23.22
N GLU A 1220 -27.64 -2.45 -22.12
CA GLU A 1220 -27.64 -1.33 -21.15
C GLU A 1220 -27.93 -1.76 -19.72
N ALA A 1221 -27.27 -1.07 -18.81
CA ALA A 1221 -27.40 -1.38 -17.38
C ALA A 1221 -28.85 -1.43 -16.94
N GLU A 1222 -29.16 -2.29 -16.00
CA GLU A 1222 -30.56 -2.55 -15.62
C GLU A 1222 -31.35 -2.99 -16.86
N PRO A 1223 -30.97 -4.10 -17.52
CA PRO A 1223 -31.71 -4.62 -18.64
C PRO A 1223 -33.15 -4.10 -18.72
N ASP B 673 -16.44 -4.36 42.61
CA ASP B 673 -15.46 -3.29 42.69
C ASP B 673 -14.11 -3.82 43.17
N PRO B 674 -13.26 -4.24 42.23
CA PRO B 674 -11.93 -4.73 42.62
C PRO B 674 -11.08 -3.69 43.33
N LEU B 675 -11.22 -2.42 42.98
CA LEU B 675 -10.42 -1.35 43.57
C LEU B 675 -11.20 -0.75 44.74
N ARG B 676 -11.30 -1.51 45.81
CA ARG B 676 -11.95 -1.05 47.03
C ARG B 676 -11.12 -1.46 48.24
N ARG B 677 -11.11 -0.61 49.25
CA ARG B 677 -10.33 -0.85 50.46
C ARG B 677 -11.18 -1.64 51.44
N THR B 678 -10.84 -2.93 51.63
CA THR B 678 -11.61 -3.77 52.53
C THR B 678 -11.48 -3.33 53.98
N GLY B 679 -10.30 -2.91 54.39
CA GLY B 679 -10.04 -2.55 55.77
C GLY B 679 -9.37 -3.62 56.60
N ARG B 680 -8.91 -4.70 55.98
CA ARG B 680 -8.23 -5.79 56.66
C ARG B 680 -6.89 -6.05 55.98
N PRO B 681 -5.90 -6.55 56.73
CA PRO B 681 -4.59 -6.82 56.12
C PRO B 681 -4.69 -7.90 55.05
N PHE B 682 -4.02 -7.63 53.92
CA PHE B 682 -3.96 -8.55 52.79
C PHE B 682 -5.36 -8.90 52.25
N GLY B 683 -6.32 -7.99 52.43
CA GLY B 683 -7.67 -8.27 51.96
C GLY B 683 -7.76 -8.34 50.45
N GLY B 684 -7.12 -7.40 49.76
CA GLY B 684 -7.17 -7.39 48.30
C GLY B 684 -6.50 -8.60 47.69
N LEU B 685 -5.37 -9.02 48.25
CA LEU B 685 -4.67 -10.20 47.74
C LEU B 685 -5.54 -11.45 47.87
N ILE B 686 -6.14 -11.64 49.04
CA ILE B 686 -7.00 -12.80 49.27
C ILE B 686 -8.19 -12.76 48.33
N ARG B 687 -8.81 -11.59 48.16
CA ARG B 687 -9.97 -11.48 47.28
C ARG B 687 -9.58 -11.81 45.83
N ASP B 688 -8.44 -11.31 45.37
CA ASP B 688 -8.00 -11.59 44.01
C ASP B 688 -7.72 -13.08 43.82
N VAL B 689 -7.07 -13.70 44.80
CA VAL B 689 -6.80 -15.14 44.71
C VAL B 689 -8.11 -15.92 44.64
N ARG B 690 -9.06 -15.59 45.51
CA ARG B 690 -10.34 -16.30 45.53
C ARG B 690 -11.12 -16.06 44.24
N ARG B 691 -10.94 -14.90 43.61
CA ARG B 691 -11.66 -14.61 42.38
C ARG B 691 -11.05 -15.35 41.19
N ARG B 692 -9.71 -15.47 41.16
CA ARG B 692 -9.09 -15.96 39.94
C ARG B 692 -8.76 -17.45 39.97
N TYR B 693 -8.26 -17.98 41.09
CA TYR B 693 -7.74 -19.34 41.07
C TYR B 693 -8.77 -20.43 40.81
N PRO B 694 -10.07 -20.29 41.15
CA PRO B 694 -11.04 -21.33 40.75
C PRO B 694 -11.05 -21.65 39.27
N HIS B 695 -10.91 -20.65 38.40
CA HIS B 695 -10.88 -20.87 36.95
C HIS B 695 -9.45 -21.17 36.49
N TYR B 696 -8.94 -22.32 36.92
CA TYR B 696 -7.57 -22.72 36.62
C TYR B 696 -7.47 -23.69 35.45
N LEU B 697 -8.25 -24.77 35.45
CA LEU B 697 -8.23 -25.71 34.33
C LEU B 697 -8.82 -25.10 33.06
N SER B 698 -9.66 -24.08 33.20
CA SER B 698 -10.23 -23.42 32.02
C SER B 698 -9.15 -22.78 31.17
N ASP B 699 -8.12 -22.20 31.80
CA ASP B 699 -7.04 -21.58 31.03
C ASP B 699 -6.31 -22.61 30.16
N PHE B 700 -6.06 -23.79 30.71
CA PHE B 700 -5.36 -24.81 29.93
C PHE B 700 -6.27 -25.49 28.91
N ARG B 701 -7.57 -25.55 29.17
CA ARG B 701 -8.47 -26.13 28.18
C ARG B 701 -8.72 -25.17 27.03
N ASP B 702 -8.68 -23.86 27.30
CA ASP B 702 -8.99 -22.86 26.28
C ASP B 702 -7.92 -22.77 25.21
N ALA B 703 -6.69 -23.19 25.50
CA ALA B 703 -5.58 -22.99 24.58
C ALA B 703 -5.67 -23.81 23.30
N LEU B 704 -6.57 -24.79 23.25
CA LEU B 704 -6.71 -25.65 22.06
C LEU B 704 -7.46 -24.85 20.99
N ASP B 705 -6.71 -24.07 20.22
CA ASP B 705 -7.26 -23.20 19.20
C ASP B 705 -6.12 -22.77 18.28
N PRO B 706 -6.24 -22.92 16.96
CA PRO B 706 -5.11 -22.58 16.07
C PRO B 706 -4.77 -21.10 16.04
N GLN B 707 -5.56 -20.23 16.67
CA GLN B 707 -5.14 -18.84 16.82
C GLN B 707 -4.05 -18.68 17.87
N CYS B 708 -4.01 -19.58 18.86
CA CYS B 708 -2.97 -19.52 19.89
C CYS B 708 -1.58 -19.78 19.30
N LEU B 709 -1.47 -20.69 18.33
CA LEU B 709 -0.19 -20.93 17.68
C LEU B 709 0.31 -19.68 16.95
N ALA B 710 -0.59 -19.01 16.22
CA ALA B 710 -0.21 -17.79 15.53
C ALA B 710 0.20 -16.70 16.53
N ALA B 711 -0.53 -16.59 17.65
CA ALA B 711 -0.15 -15.63 18.67
C ALA B 711 1.23 -15.93 19.24
N VAL B 712 1.50 -17.20 19.51
CA VAL B 712 2.81 -17.59 20.05
C VAL B 712 3.92 -17.21 19.08
N ILE B 713 3.75 -17.56 17.81
CA ILE B 713 4.78 -17.27 16.82
C ILE B 713 4.98 -15.77 16.66
N PHE B 714 3.89 -15.00 16.65
CA PHE B 714 3.99 -13.56 16.48
C PHE B 714 4.70 -12.91 17.68
N ILE B 715 4.36 -13.34 18.90
CA ILE B 715 4.91 -12.70 20.09
C ILE B 715 6.33 -13.17 20.40
N TYR B 716 6.75 -14.33 19.88
CA TYR B 716 8.11 -14.80 20.15
C TYR B 716 9.16 -13.80 19.69
N PHE B 717 9.06 -13.34 18.44
CA PHE B 717 10.05 -12.39 17.93
C PHE B 717 9.94 -11.05 18.62
N ALA B 718 8.71 -10.58 18.87
CA ALA B 718 8.51 -9.28 19.51
C ALA B 718 9.06 -9.27 20.93
N ALA B 719 9.15 -10.45 21.55
CA ALA B 719 9.77 -10.52 22.88
C ALA B 719 11.28 -10.76 22.80
N LEU B 720 11.74 -11.46 21.76
CA LEU B 720 13.15 -11.80 21.68
C LEU B 720 14.01 -10.61 21.27
N SER B 721 13.55 -9.84 20.28
CA SER B 721 14.39 -8.77 19.74
C SER B 721 14.73 -7.68 20.76
N PRO B 722 13.78 -7.13 21.53
CA PRO B 722 14.18 -6.14 22.54
C PRO B 722 15.16 -6.68 23.56
N ALA B 723 15.08 -7.97 23.89
CA ALA B 723 16.05 -8.55 24.80
C ALA B 723 17.47 -8.39 24.27
N ILE B 724 17.68 -8.76 23.00
CA ILE B 724 19.01 -8.65 22.41
C ILE B 724 19.45 -7.19 22.33
N THR B 725 18.56 -6.30 21.88
CA THR B 725 18.92 -4.90 21.72
C THR B 725 19.32 -4.27 23.05
N PHE B 726 18.46 -4.40 24.06
CA PHE B 726 18.74 -3.79 25.35
C PHE B 726 19.89 -4.48 26.08
N GLY B 727 20.09 -5.78 25.85
CA GLY B 727 21.25 -6.43 26.40
C GLY B 727 22.55 -5.87 25.83
N GLY B 728 22.59 -5.68 24.51
CA GLY B 728 23.76 -5.05 23.91
C GLY B 728 24.00 -3.65 24.44
N LEU B 729 22.92 -2.86 24.53
CA LEU B 729 23.06 -1.49 25.04
C LEU B 729 23.56 -1.47 26.47
N LEU B 730 23.01 -2.33 27.34
CA LEU B 730 23.39 -2.33 28.74
C LEU B 730 24.79 -2.89 28.94
N GLY B 731 25.20 -3.83 28.09
CA GLY B 731 26.57 -4.27 28.12
C GLY B 731 27.54 -3.18 27.70
N GLU B 732 27.17 -2.37 26.71
CA GLU B 732 28.00 -1.24 26.31
C GLU B 732 28.11 -0.21 27.44
N LYS B 733 26.98 0.10 28.08
CA LYS B 733 26.96 1.17 29.07
C LYS B 733 27.77 0.81 30.31
N THR B 734 27.55 -0.39 30.86
CA THR B 734 28.34 -0.84 31.99
C THR B 734 29.66 -1.43 31.50
N GLN B 735 30.48 -1.91 32.42
CA GLN B 735 31.74 -2.55 32.04
C GLN B 735 31.51 -4.01 31.70
N ASP B 736 30.54 -4.27 30.81
CA ASP B 736 30.19 -5.62 30.37
C ASP B 736 29.89 -6.51 31.58
N LEU B 737 29.19 -5.93 32.57
CA LEU B 737 28.83 -6.68 33.76
C LEU B 737 27.48 -7.37 33.60
N ILE B 738 26.53 -6.73 32.92
CA ILE B 738 25.25 -7.33 32.58
C ILE B 738 25.13 -7.31 31.06
N GLY B 739 24.92 -8.47 30.46
CA GLY B 739 24.92 -8.57 29.02
C GLY B 739 23.62 -9.03 28.41
N VAL B 740 23.71 -9.87 27.38
CA VAL B 740 22.52 -10.36 26.68
C VAL B 740 22.02 -11.65 27.29
N SER B 741 22.93 -12.54 27.68
CA SER B 741 22.53 -13.83 28.25
C SER B 741 21.76 -13.64 29.56
N GLU B 742 22.24 -12.73 30.41
CA GLU B 742 21.57 -12.50 31.69
C GLU B 742 20.17 -11.94 31.48
N LEU B 743 20.00 -11.01 30.54
CA LEU B 743 18.68 -10.47 30.26
C LEU B 743 17.73 -11.54 29.75
N ILE B 744 18.21 -12.42 28.86
CA ILE B 744 17.37 -13.49 28.34
C ILE B 744 16.96 -14.44 29.45
N MET B 745 17.82 -14.68 30.38
CA MET B 745 17.59 -15.69 31.41
C MET B 745 16.79 -15.10 32.50
N SER B 746 16.80 -13.87 32.73
CA SER B 746 15.87 -13.21 33.63
C SER B 746 14.48 -13.11 33.01
N THR B 747 14.41 -12.73 31.74
CA THR B 747 13.11 -12.63 31.06
C THR B 747 12.39 -13.97 31.06
N ALA B 748 13.11 -15.05 30.71
CA ALA B 748 12.49 -16.36 30.66
C ALA B 748 12.00 -16.81 32.04
N LEU B 749 12.80 -16.83 33.03
CA LEU B 749 12.46 -17.23 34.38
C LEU B 749 11.47 -16.33 35.08
N GLN B 750 11.35 -15.05 34.84
CA GLN B 750 10.26 -14.22 35.37
C GLN B 750 8.97 -14.45 34.60
N GLY B 751 9.05 -14.59 33.27
CA GLY B 751 7.85 -14.85 32.49
C GLY B 751 7.21 -16.18 32.85
N VAL B 752 8.01 -17.22 33.00
CA VAL B 752 7.47 -18.53 33.36
C VAL B 752 6.80 -18.48 34.71
N VAL B 753 7.47 -17.88 35.70
CA VAL B 753 6.90 -17.83 37.05
C VAL B 753 5.61 -17.01 37.06
N PHE B 754 5.61 -15.86 36.37
CA PHE B 754 4.43 -15.01 36.35
C PHE B 754 3.26 -15.69 35.65
N CYS B 755 3.53 -16.38 34.53
CA CYS B 755 2.44 -17.07 33.84
C CYS B 755 1.93 -18.26 34.63
N LEU B 756 2.78 -18.85 35.48
CA LEU B 756 2.30 -19.95 36.31
C LEU B 756 1.47 -19.47 37.50
N LEU B 757 1.85 -18.33 38.12
CA LEU B 757 1.19 -17.89 39.34
C LEU B 757 0.57 -16.50 39.24
N GLY B 758 0.34 -15.99 38.05
CA GLY B 758 -0.15 -14.63 37.88
C GLY B 758 -1.67 -14.54 37.80
N ALA B 759 -2.20 -13.42 38.29
CA ALA B 759 -3.63 -13.16 38.20
C ALA B 759 -4.04 -12.74 36.80
N GLN B 760 -3.20 -11.96 36.12
CA GLN B 760 -3.46 -11.52 34.74
C GLN B 760 -2.38 -12.11 33.83
N PRO B 761 -2.69 -13.16 33.08
CA PRO B 761 -1.68 -13.81 32.23
C PRO B 761 -1.52 -13.24 30.84
N LEU B 762 -2.17 -12.11 30.53
CA LEU B 762 -2.04 -11.45 29.24
C LEU B 762 -0.96 -10.38 29.25
N LEU B 763 -0.20 -10.27 30.32
CA LEU B 763 0.86 -9.28 30.44
C LEU B 763 2.20 -9.89 30.06
N VAL B 764 2.99 -9.14 29.29
CA VAL B 764 4.33 -9.54 28.89
C VAL B 764 5.31 -8.58 29.58
N ILE B 765 6.20 -9.15 30.40
CA ILE B 765 7.13 -8.36 31.21
C ILE B 765 8.52 -8.45 30.58
N GLY B 766 9.21 -7.31 30.55
CA GLY B 766 10.53 -7.26 29.95
C GLY B 766 11.21 -5.94 30.26
N PHE B 767 12.45 -5.83 29.80
CA PHE B 767 13.25 -4.63 30.05
C PHE B 767 12.77 -3.48 29.18
N SER B 768 12.97 -2.26 29.68
CA SER B 768 12.48 -1.06 29.01
C SER B 768 13.49 0.07 29.18
N GLY B 769 13.17 1.21 28.56
CA GLY B 769 14.05 2.36 28.54
C GLY B 769 14.35 3.02 29.88
N PRO B 770 13.30 3.35 30.65
CA PRO B 770 13.54 3.99 31.95
C PRO B 770 14.40 3.14 32.89
N LEU B 771 14.24 1.83 32.84
CA LEU B 771 15.10 0.96 33.64
C LEU B 771 16.55 1.08 33.20
N LEU B 772 16.78 1.17 31.88
CA LEU B 772 18.14 1.36 31.37
C LEU B 772 18.72 2.68 31.83
N VAL B 773 17.91 3.75 31.82
CA VAL B 773 18.39 5.06 32.27
C VAL B 773 18.77 5.00 33.75
N PHE B 774 17.92 4.35 34.57
CA PHE B 774 18.23 4.22 35.98
C PHE B 774 19.50 3.40 36.19
N GLU B 775 19.68 2.33 35.41
CA GLU B 775 20.86 1.49 35.56
C GLU B 775 22.13 2.26 35.22
N GLU B 776 22.11 3.04 34.13
CA GLU B 776 23.31 3.80 33.77
C GLU B 776 23.60 4.88 34.81
N ALA B 777 22.55 5.54 35.33
CA ALA B 777 22.77 6.55 36.36
C ALA B 777 23.36 5.95 37.62
N PHE B 778 22.85 4.78 38.03
CA PHE B 778 23.37 4.13 39.23
C PHE B 778 24.80 3.65 39.02
N PHE B 779 25.11 3.15 37.81
CA PHE B 779 26.48 2.75 37.52
C PHE B 779 27.43 3.94 37.60
N SER B 780 27.02 5.08 37.06
CA SER B 780 27.86 6.28 37.14
C SER B 780 28.06 6.69 38.59
N PHE B 781 26.99 6.66 39.39
CA PHE B 781 27.12 7.03 40.80
C PHE B 781 28.06 6.09 41.54
N CYS B 782 27.93 4.79 41.29
CA CYS B 782 28.79 3.82 41.99
C CYS B 782 30.25 3.97 41.55
N SER B 783 30.48 4.21 40.27
CA SER B 783 31.86 4.38 39.79
C SER B 783 32.49 5.64 40.36
N SER B 784 31.70 6.72 40.50
CA SER B 784 32.23 7.96 41.05
C SER B 784 32.67 7.80 42.50
N ASN B 785 31.91 7.04 43.29
CA ASN B 785 32.15 6.93 44.72
C ASN B 785 32.94 5.69 45.12
N HIS B 786 33.51 4.97 44.15
CA HIS B 786 34.33 3.79 44.42
C HIS B 786 33.55 2.70 45.16
N LEU B 787 32.33 2.44 44.72
CA LEU B 787 31.49 1.41 45.31
C LEU B 787 31.32 0.24 44.34
N GLU B 788 30.80 -0.86 44.86
CA GLU B 788 30.50 -2.04 44.06
C GLU B 788 29.10 -1.89 43.47
N TYR B 789 28.97 -2.24 42.18
CA TYR B 789 27.69 -2.06 41.48
C TYR B 789 26.77 -3.25 41.73
N LEU B 790 27.25 -4.46 41.43
CA LEU B 790 26.43 -5.65 41.60
C LEU B 790 26.08 -5.88 43.06
N VAL B 791 27.05 -5.67 43.95
CA VAL B 791 26.76 -5.75 45.39
C VAL B 791 25.83 -4.62 45.80
N GLY B 792 25.98 -3.44 45.21
CA GLY B 792 25.11 -2.33 45.54
C GLY B 792 23.66 -2.54 45.19
N ARG B 793 23.39 -3.27 44.12
CA ARG B 793 22.00 -3.51 43.71
C ARG B 793 21.26 -4.49 44.61
N VAL B 794 21.99 -5.31 45.37
CA VAL B 794 21.34 -6.31 46.22
C VAL B 794 20.50 -5.64 47.30
N TRP B 795 21.05 -4.59 47.92
CA TRP B 795 20.31 -3.89 48.97
C TRP B 795 19.11 -3.14 48.40
N ILE B 796 19.25 -2.62 47.18
CA ILE B 796 18.11 -2.00 46.50
C ILE B 796 17.01 -3.03 46.29
N GLY B 797 17.38 -4.24 45.88
CA GLY B 797 16.39 -5.30 45.73
C GLY B 797 15.72 -5.66 47.04
N PHE B 798 16.51 -5.74 48.12
CA PHE B 798 15.93 -6.06 49.43
C PHE B 798 14.94 -4.99 49.86
N TRP B 799 15.29 -3.71 49.67
CA TRP B 799 14.37 -2.64 50.02
C TRP B 799 13.14 -2.65 49.13
N LEU B 800 13.30 -3.04 47.86
CA LEU B 800 12.13 -3.19 46.98
C LEU B 800 11.19 -4.26 47.52
N VAL B 801 11.73 -5.40 47.95
CA VAL B 801 10.90 -6.46 48.52
C VAL B 801 10.18 -5.96 49.76
N PHE B 802 10.90 -5.25 50.63
CA PHE B 802 10.29 -4.73 51.85
C PHE B 802 9.16 -3.75 51.53
N LEU B 803 9.39 -2.85 50.57
CA LEU B 803 8.36 -1.88 50.20
C LEU B 803 7.14 -2.56 49.60
N ALA B 804 7.36 -3.58 48.76
CA ALA B 804 6.23 -4.31 48.18
C ALA B 804 5.42 -5.00 49.27
N LEU B 805 6.09 -5.66 50.22
CA LEU B 805 5.37 -6.32 51.30
C LEU B 805 4.59 -5.31 52.14
N LEU B 806 5.20 -4.17 52.44
CA LEU B 806 4.53 -3.16 53.24
C LEU B 806 3.30 -2.61 52.53
N MET B 807 3.41 -2.37 51.22
CA MET B 807 2.30 -1.81 50.48
C MET B 807 1.17 -2.81 50.31
N VAL B 808 1.51 -4.09 50.11
CA VAL B 808 0.46 -5.11 49.99
C VAL B 808 -0.23 -5.33 51.33
N ALA B 809 0.52 -5.32 52.44
CA ALA B 809 -0.09 -5.51 53.75
C ALA B 809 -1.11 -4.41 54.03
N LEU B 810 -0.66 -3.16 54.13
CA LEU B 810 -1.55 -2.00 54.22
C LEU B 810 -1.94 -1.60 52.80
N GLU B 811 -2.97 -2.29 52.29
CA GLU B 811 -3.34 -2.23 50.87
C GLU B 811 -3.43 -0.79 50.35
N GLY B 812 -2.68 -0.51 49.29
CA GLY B 812 -2.60 0.82 48.75
C GLY B 812 -2.74 0.84 47.23
N SER B 813 -3.09 -0.32 46.66
CA SER B 813 -3.38 -0.42 45.23
C SER B 813 -4.77 0.10 44.87
N PHE B 814 -5.47 0.68 45.84
CA PHE B 814 -6.73 1.35 45.59
C PHE B 814 -6.56 2.78 45.09
N LEU B 815 -5.33 3.30 45.12
CA LEU B 815 -5.06 4.61 44.56
C LEU B 815 -5.15 4.64 43.04
N VAL B 816 -5.25 3.47 42.40
CA VAL B 816 -5.44 3.39 40.96
C VAL B 816 -6.80 3.91 40.53
N ARG B 817 -7.74 4.06 41.39
CA ARG B 817 -9.04 4.65 41.10
C ARG B 817 -8.86 6.08 40.59
N PHE B 818 -7.96 6.89 41.13
CA PHE B 818 -7.80 8.27 40.72
C PHE B 818 -7.14 8.42 39.35
N VAL B 819 -6.55 7.44 38.73
CA VAL B 819 -6.00 7.49 37.37
C VAL B 819 -7.13 7.33 36.39
N SER B 820 -7.45 8.34 35.61
CA SER B 820 -8.60 8.41 34.74
C SER B 820 -8.30 7.95 33.40
N ARG B 821 -8.77 8.65 32.41
CA ARG B 821 -8.63 8.22 31.04
C ARG B 821 -7.99 9.38 30.42
N PHE B 822 -7.62 10.41 31.09
CA PHE B 822 -6.87 11.55 30.59
C PHE B 822 -5.45 11.25 30.84
N THR B 823 -5.05 10.45 31.80
CA THR B 823 -3.69 10.19 32.22
C THR B 823 -3.36 8.84 31.82
N GLN B 824 -4.15 8.13 31.13
CA GLN B 824 -3.77 6.84 30.68
C GLN B 824 -3.89 6.77 29.21
N GLU B 825 -4.13 7.84 28.43
CA GLU B 825 -4.16 7.93 26.98
C GLU B 825 -3.24 9.04 26.61
N ILE B 826 -2.56 9.71 27.50
CA ILE B 826 -1.47 10.67 27.30
C ILE B 826 -0.29 9.77 27.45
N PHE B 827 -0.31 8.67 28.17
CA PHE B 827 0.79 7.69 28.32
C PHE B 827 0.73 6.53 27.42
N ALA B 828 -0.25 6.12 26.77
CA ALA B 828 -0.24 5.13 25.75
C ALA B 828 -0.19 5.67 24.36
N PHE B 829 -0.19 6.94 24.05
CA PHE B 829 0.05 7.56 22.77
C PHE B 829 1.49 7.87 22.88
N LEU B 830 2.11 8.41 23.88
CA LEU B 830 3.54 8.58 24.00
C LEU B 830 4.39 7.34 23.99
N ILE B 831 4.03 6.11 24.17
CA ILE B 831 4.79 4.89 24.37
C ILE B 831 4.62 4.18 23.09
N SER B 832 3.81 4.60 22.17
CA SER B 832 3.54 4.10 20.82
C SER B 832 4.02 5.01 19.75
N LEU B 833 4.46 6.21 19.97
CA LEU B 833 4.98 7.23 19.10
C LEU B 833 6.42 7.28 19.41
N ILE B 834 6.95 6.88 20.51
CA ILE B 834 8.39 6.69 20.90
C ILE B 834 8.89 5.35 20.48
N PHE B 835 8.14 4.48 19.86
CA PHE B 835 8.53 3.17 19.44
C PHE B 835 8.40 3.14 17.98
N ILE B 836 7.80 4.03 17.20
CA ILE B 836 7.71 4.19 15.75
C ILE B 836 8.69 5.27 15.40
N TYR B 837 9.17 6.10 16.23
CA TYR B 837 10.22 7.01 15.95
C TYR B 837 11.42 6.19 16.01
N GLU B 838 11.69 5.18 16.79
CA GLU B 838 12.96 4.49 16.84
C GLU B 838 12.97 3.18 16.24
N THR B 839 12.24 2.86 15.24
CA THR B 839 12.08 1.61 14.49
C THR B 839 12.33 2.14 13.15
N PHE B 840 12.22 3.41 12.95
CA PHE B 840 12.62 4.08 11.73
C PHE B 840 13.62 5.12 11.99
N TYR B 841 14.65 4.92 12.74
CA TYR B 841 15.77 5.77 13.04
C TYR B 841 16.75 4.68 13.30
N LYS B 842 16.47 3.46 12.97
CA LYS B 842 17.32 2.29 13.05
C LYS B 842 17.41 1.91 11.63
N LEU B 843 16.78 2.51 10.61
CA LEU B 843 16.85 2.48 9.15
C LEU B 843 17.62 3.71 8.77
N VAL B 844 17.28 4.91 8.94
CA VAL B 844 18.12 6.09 8.76
C VAL B 844 19.40 5.93 9.45
N LYS B 845 19.98 4.80 9.71
CA LYS B 845 21.29 4.55 10.35
C LYS B 845 21.88 3.32 9.77
N ILE B 846 21.33 2.64 8.78
CA ILE B 846 21.82 1.51 7.94
C ILE B 846 22.02 2.20 6.67
N PHE B 847 21.96 3.49 6.54
CA PHE B 847 21.99 4.27 5.31
C PHE B 847 22.85 5.40 5.60
N GLN B 848 23.65 5.31 6.59
CA GLN B 848 24.59 6.34 6.98
C GLN B 848 25.83 5.57 7.27
N GLU B 849 25.74 4.31 7.48
CA GLU B 849 26.87 3.44 7.72
C GLU B 849 27.24 2.88 6.40
N HIS B 850 26.35 2.34 5.53
CA HIS B 850 26.46 1.83 4.16
C HIS B 850 25.89 2.85 3.22
N PRO B 851 26.58 3.94 2.89
CA PRO B 851 26.02 5.01 2.21
C PRO B 851 25.89 4.75 0.74
N LEU B 852 25.14 5.47 -0.14
CA LEU B 852 24.87 5.15 -1.59
C LEU B 852 25.84 5.84 -2.48
N HIS B 853 27.04 5.34 -2.69
CA HIS B 853 28.12 5.95 -3.51
C HIS B 853 28.34 4.99 -4.70
N GLY B 854 29.50 4.40 -4.93
CA GLY B 854 29.61 3.45 -6.07
C GLY B 854 31.01 2.87 -6.36
N CYS B 855 31.50 2.80 -7.64
CA CYS B 855 32.79 2.15 -7.86
C CYS B 855 32.83 0.76 -7.24
N PRO B 894 31.09 -4.79 8.32
CA PRO B 894 31.26 -4.04 7.06
C PRO B 894 30.83 -2.58 7.19
N ARG B 895 31.39 -1.71 6.33
CA ARG B 895 31.15 -0.28 6.48
C ARG B 895 30.88 0.41 5.15
N GLY B 896 31.00 -0.30 4.02
CA GLY B 896 30.81 0.35 2.73
C GLY B 896 30.11 -0.49 1.68
N GLN B 897 29.38 -1.52 2.10
CA GLN B 897 28.82 -2.46 1.15
C GLN B 897 27.76 -1.80 0.28
N PRO B 898 27.67 -2.16 -1.00
CA PRO B 898 26.58 -1.67 -1.84
C PRO B 898 25.39 -2.60 -1.86
N ASN B 899 24.25 -2.04 -2.27
CA ASN B 899 22.96 -2.72 -2.41
C ASN B 899 22.37 -3.17 -1.09
N THR B 900 22.94 -2.76 0.05
CA THR B 900 22.42 -3.19 1.35
C THR B 900 21.34 -2.26 1.87
N ALA B 901 21.58 -0.96 1.83
CA ALA B 901 20.62 0.01 2.37
C ALA B 901 19.31 0.01 1.60
N LEU B 902 19.34 -0.29 0.30
CA LEU B 902 18.11 -0.35 -0.48
C LEU B 902 17.41 -1.70 -0.33
N LEU B 903 18.16 -2.79 -0.22
CA LEU B 903 17.55 -4.09 0.00
C LEU B 903 16.85 -4.14 1.35
N SER B 904 17.42 -3.49 2.37
CA SER B 904 16.75 -3.41 3.67
C SER B 904 15.42 -2.69 3.56
N LEU B 905 15.38 -1.58 2.81
CA LEU B 905 14.13 -0.87 2.57
C LEU B 905 13.13 -1.77 1.85
N VAL B 906 13.58 -2.50 0.85
CA VAL B 906 12.68 -3.37 0.09
C VAL B 906 12.07 -4.44 1.00
N LEU B 907 12.91 -5.08 1.82
CA LEU B 907 12.41 -6.13 2.70
C LEU B 907 11.43 -5.58 3.73
N MET B 908 11.76 -4.44 4.34
CA MET B 908 10.87 -3.84 5.33
C MET B 908 9.53 -3.48 4.73
N ALA B 909 9.54 -2.81 3.56
CA ALA B 909 8.29 -2.42 2.92
C ALA B 909 7.49 -3.65 2.51
N GLY B 910 8.15 -4.68 1.98
CA GLY B 910 7.42 -5.88 1.59
C GLY B 910 6.74 -6.54 2.76
N THR B 911 7.46 -6.69 3.89
CA THR B 911 6.87 -7.30 5.07
C THR B 911 5.67 -6.49 5.55
N PHE B 912 5.66 -5.22 5.72
CA PHE B 912 4.59 -4.44 6.25
C PHE B 912 3.55 -4.29 5.27
N PHE B 913 3.71 -4.33 3.95
CA PHE B 913 2.58 -4.30 3.04
C PHE B 913 1.90 -5.66 2.95
N ILE B 914 2.66 -6.75 3.02
CA ILE B 914 2.03 -8.07 3.08
C ILE B 914 1.23 -8.23 4.37
N ALA B 915 1.62 -8.33 5.59
CA ALA B 915 0.87 -8.37 6.83
C ALA B 915 -0.28 -7.46 6.96
N PHE B 916 -0.37 -6.27 6.41
CA PHE B 916 -1.53 -5.36 6.38
C PHE B 916 -2.46 -5.56 5.24
N PHE B 917 -2.38 -6.53 4.39
CA PHE B 917 -3.23 -6.87 3.28
C PHE B 917 -3.65 -8.20 3.72
N LEU B 918 -2.80 -9.07 4.20
CA LEU B 918 -3.46 -10.21 4.83
C LEU B 918 -4.43 -9.77 5.92
N ARG B 919 -4.12 -8.70 6.66
CA ARG B 919 -5.07 -8.19 7.65
C ARG B 919 -6.36 -7.75 7.00
N LYS B 920 -6.27 -7.06 5.86
CA LYS B 920 -7.47 -6.65 5.13
C LYS B 920 -8.20 -7.87 4.54
N PHE B 921 -7.44 -8.83 4.01
CA PHE B 921 -8.04 -10.04 3.45
C PHE B 921 -8.81 -10.84 4.50
N LYS B 922 -8.39 -10.77 5.76
CA LYS B 922 -9.11 -11.49 6.82
C LYS B 922 -10.57 -11.06 6.91
N ASN B 923 -10.87 -9.80 6.60
CA ASN B 923 -12.22 -9.26 6.71
C ASN B 923 -12.93 -9.17 5.35
N SER B 924 -12.36 -9.77 4.31
CA SER B 924 -12.93 -9.66 2.96
C SER B 924 -14.09 -10.63 2.80
N ARG B 925 -14.74 -10.72 1.63
CA ARG B 925 -15.75 -11.73 1.27
C ARG B 925 -15.24 -12.84 0.41
N PHE B 926 -13.92 -13.12 0.31
CA PHE B 926 -13.38 -14.15 -0.56
C PHE B 926 -13.11 -15.43 0.20
N PHE B 927 -13.29 -16.57 -0.50
CA PHE B 927 -13.00 -17.90 0.01
C PHE B 927 -13.96 -18.29 1.13
N PRO B 928 -14.04 -19.57 1.50
CA PRO B 928 -14.90 -19.94 2.62
C PRO B 928 -14.44 -19.29 3.92
N GLY B 929 -15.38 -19.09 4.84
CA GLY B 929 -15.10 -18.32 6.04
C GLY B 929 -14.00 -18.92 6.89
N ARG B 930 -14.01 -20.24 7.09
CA ARG B 930 -13.03 -20.87 7.96
C ARG B 930 -11.62 -20.75 7.39
N ILE B 931 -11.45 -21.02 6.09
CA ILE B 931 -10.13 -20.87 5.46
C ILE B 931 -9.70 -19.40 5.50
N ARG B 932 -10.64 -18.49 5.25
CA ARG B 932 -10.31 -17.07 5.26
C ARG B 932 -9.79 -16.64 6.64
N ARG B 933 -10.47 -17.06 7.70
CA ARG B 933 -10.05 -16.68 9.05
C ARG B 933 -8.74 -17.36 9.44
N VAL B 934 -8.55 -18.61 9.04
CA VAL B 934 -7.30 -19.30 9.35
C VAL B 934 -6.12 -18.61 8.66
N ILE B 935 -6.30 -18.22 7.38
CA ILE B 935 -5.23 -17.54 6.67
C ILE B 935 -4.98 -16.15 7.25
N GLY B 936 -6.05 -15.46 7.64
CA GLY B 936 -5.89 -14.13 8.22
C GLY B 936 -5.21 -14.16 9.58
N ASP B 937 -5.40 -15.24 10.34
CA ASP B 937 -4.73 -15.37 11.63
C ASP B 937 -3.22 -15.47 11.44
N PHE B 938 -2.77 -16.26 10.47
CA PHE B 938 -1.34 -16.43 10.18
C PHE B 938 -0.84 -15.43 9.16
N GLY B 939 -1.06 -14.14 9.41
CA GLY B 939 -0.59 -13.12 8.48
C GLY B 939 0.87 -12.77 8.70
N VAL B 940 1.22 -12.43 9.95
CA VAL B 940 2.60 -12.09 10.27
C VAL B 940 3.55 -13.26 10.03
N PRO B 941 3.26 -14.49 10.47
CA PRO B 941 4.17 -15.60 10.14
C PRO B 941 4.35 -15.81 8.65
N ILE B 942 3.28 -15.67 7.87
CA ILE B 942 3.37 -15.86 6.42
C ILE B 942 4.25 -14.79 5.80
N ALA B 943 4.06 -13.52 6.21
CA ALA B 943 4.90 -12.44 5.70
C ALA B 943 6.35 -12.66 6.06
N ILE B 944 6.62 -13.06 7.31
CA ILE B 944 7.99 -13.28 7.75
C ILE B 944 8.64 -14.39 6.93
N LEU B 945 7.92 -15.51 6.75
CA LEU B 945 8.48 -16.62 5.99
C LEU B 945 8.75 -16.24 4.54
N ILE B 946 7.81 -15.51 3.93
CA ILE B 946 7.97 -15.12 2.53
C ILE B 946 9.19 -14.22 2.36
N MET B 947 9.33 -13.22 3.24
CA MET B 947 10.46 -12.30 3.09
C MET B 947 11.78 -12.97 3.45
N VAL B 948 11.78 -13.91 4.41
CA VAL B 948 12.99 -14.65 4.72
C VAL B 948 13.43 -15.48 3.53
N LEU B 949 12.49 -16.14 2.86
CA LEU B 949 12.83 -16.91 1.65
C LEU B 949 13.34 -15.99 0.55
N VAL B 950 12.71 -14.82 0.37
CA VAL B 950 13.14 -13.89 -0.66
C VAL B 950 14.57 -13.44 -0.40
N ASP B 951 14.89 -13.10 0.85
CA ASP B 951 16.27 -12.70 1.17
C ASP B 951 17.22 -13.87 0.98
N TYR B 952 16.81 -15.08 1.35
CA TYR B 952 17.67 -16.25 1.22
C TYR B 952 17.98 -16.55 -0.23
N SER B 953 17.07 -16.21 -1.16
CA SER B 953 17.34 -16.44 -2.57
C SER B 953 18.53 -15.63 -3.06
N ILE B 954 18.64 -14.38 -2.62
CA ILE B 954 19.76 -13.54 -3.03
C ILE B 954 21.06 -14.07 -2.42
N GLU B 955 22.14 -14.01 -3.20
CA GLU B 955 23.40 -14.66 -2.83
C GLU B 955 24.47 -13.68 -2.38
N ASP B 956 24.80 -12.68 -3.20
CA ASP B 956 25.99 -11.86 -2.97
C ASP B 956 25.76 -10.70 -2.02
N THR B 957 24.56 -10.13 -1.98
CA THR B 957 24.32 -8.95 -1.16
C THR B 957 24.42 -9.28 0.32
N TYR B 958 25.02 -8.37 1.08
CA TYR B 958 25.21 -8.54 2.51
C TYR B 958 24.12 -7.81 3.26
N THR B 959 23.48 -8.51 4.20
CA THR B 959 22.48 -7.93 5.08
C THR B 959 22.75 -8.39 6.50
N GLN B 960 22.58 -7.47 7.46
CA GLN B 960 22.77 -7.80 8.86
C GLN B 960 21.70 -8.78 9.32
N LYS B 961 22.10 -9.75 10.15
CA LYS B 961 21.23 -10.84 10.55
C LYS B 961 21.25 -10.98 12.07
N LEU B 962 20.19 -11.61 12.59
CA LEU B 962 19.99 -11.70 14.03
C LEU B 962 21.00 -12.66 14.65
N SER B 963 21.66 -12.22 15.72
CA SER B 963 22.71 -12.99 16.37
C SER B 963 22.41 -13.09 17.85
N VAL B 964 22.40 -14.32 18.37
CA VAL B 964 22.20 -14.58 19.79
C VAL B 964 23.48 -15.15 20.37
N PRO B 965 23.73 -15.00 21.68
CA PRO B 965 24.95 -15.57 22.27
C PRO B 965 24.97 -17.08 22.23
N SER B 966 26.12 -17.69 22.54
CA SER B 966 26.27 -19.13 22.52
C SER B 966 26.61 -19.63 23.91
N GLY B 967 25.88 -20.61 24.39
CA GLY B 967 26.13 -21.20 25.70
C GLY B 967 25.43 -20.44 26.81
N PHE B 968 25.18 -21.17 27.91
CA PHE B 968 24.54 -20.61 29.10
C PHE B 968 25.64 -20.26 30.09
N SER B 969 26.15 -19.04 30.00
CA SER B 969 27.22 -18.58 30.87
C SER B 969 27.16 -17.06 30.98
N VAL B 970 27.80 -16.54 32.01
CA VAL B 970 27.84 -15.10 32.25
C VAL B 970 28.64 -14.42 31.15
N THR B 971 28.42 -13.13 30.97
CA THR B 971 29.08 -12.36 29.92
C THR B 971 30.49 -11.90 30.29
N ALA B 972 30.85 -11.95 31.57
CA ALA B 972 32.19 -11.58 32.03
C ALA B 972 32.68 -12.64 33.01
N PRO B 973 33.12 -13.79 32.50
CA PRO B 973 33.46 -14.91 33.39
C PRO B 973 34.78 -14.72 34.14
N GLU B 974 35.45 -13.58 33.94
CA GLU B 974 36.71 -13.31 34.63
C GLU B 974 36.59 -12.26 35.72
N LYS B 975 35.45 -11.58 35.85
CA LYS B 975 35.25 -10.57 36.87
C LYS B 975 33.87 -10.63 37.51
N ARG B 976 33.19 -11.77 37.40
CA ARG B 976 31.79 -11.87 37.81
C ARG B 976 31.47 -13.34 38.05
N GLY B 977 30.41 -13.57 38.83
CA GLY B 977 29.93 -14.92 39.07
C GLY B 977 28.42 -14.99 39.03
N TRP B 978 27.87 -16.18 39.29
CA TRP B 978 26.42 -16.35 39.26
C TRP B 978 25.73 -15.93 40.55
N VAL B 979 26.44 -15.93 41.67
CA VAL B 979 25.90 -15.56 42.97
C VAL B 979 26.69 -14.37 43.50
N ILE B 980 25.98 -13.31 43.88
CA ILE B 980 26.59 -12.09 44.39
C ILE B 980 26.46 -12.11 45.91
N ASN B 981 27.59 -11.97 46.59
CA ASN B 981 27.58 -11.97 48.05
C ASN B 981 26.90 -10.70 48.56
N PRO B 982 25.98 -10.80 49.51
CA PRO B 982 25.35 -9.58 50.05
C PRO B 982 26.36 -8.61 50.67
N LEU B 983 27.40 -9.13 51.32
CA LEU B 983 28.49 -8.30 51.83
C LEU B 983 29.45 -8.00 50.68
N GLY B 984 30.61 -7.45 51.01
CA GLY B 984 31.61 -7.11 50.00
C GLY B 984 32.09 -8.31 49.22
N GLU B 985 32.07 -8.20 47.89
CA GLU B 985 32.55 -9.29 47.05
C GLU B 985 34.07 -9.40 47.10
N LYS B 986 34.76 -8.26 47.02
CA LYS B 986 36.22 -8.21 47.14
C LYS B 986 36.68 -7.35 48.30
N SER B 987 36.04 -6.22 48.53
CA SER B 987 36.32 -5.33 49.65
C SER B 987 35.03 -5.07 50.40
N PRO B 988 35.10 -4.85 51.71
CA PRO B 988 33.87 -4.71 52.50
C PRO B 988 33.00 -3.54 52.03
N PHE B 989 31.68 -3.77 52.03
CA PHE B 989 30.70 -2.77 51.63
C PHE B 989 30.41 -1.83 52.79
N PRO B 990 30.42 -0.52 52.57
CA PRO B 990 30.17 0.41 53.67
C PRO B 990 28.78 0.22 54.26
N VAL B 991 28.69 0.38 55.58
CA VAL B 991 27.43 0.17 56.27
C VAL B 991 26.42 1.26 55.92
N TRP B 992 26.90 2.50 55.76
CA TRP B 992 25.98 3.62 55.51
C TRP B 992 25.21 3.45 54.21
N MET B 993 25.81 2.87 53.18
CA MET B 993 25.09 2.61 51.94
C MET B 993 23.96 1.61 52.11
N MET B 994 24.09 0.65 53.02
CA MET B 994 23.04 -0.33 53.26
C MET B 994 21.73 0.33 53.65
N VAL B 995 21.80 1.41 54.44
CA VAL B 995 20.60 2.12 54.83
C VAL B 995 20.29 3.29 53.89
N ALA B 996 21.30 3.80 53.18
CA ALA B 996 21.06 4.90 52.23
C ALA B 996 20.49 4.41 50.90
N SER B 997 20.48 3.10 50.66
CA SER B 997 19.93 2.57 49.41
C SER B 997 18.41 2.60 49.36
N LEU B 998 17.72 3.30 50.27
CA LEU B 998 16.27 3.32 50.27
C LEU B 998 15.71 4.22 49.16
N LEU B 999 16.38 5.33 48.88
CA LEU B 999 15.89 6.27 47.87
C LEU B 999 15.84 5.67 46.47
N PRO B 1000 16.92 5.06 45.94
CA PRO B 1000 16.79 4.44 44.61
C PRO B 1000 15.75 3.33 44.57
N ALA B 1001 15.57 2.63 45.68
CA ALA B 1001 14.51 1.64 45.77
C ALA B 1001 13.14 2.29 45.59
N ILE B 1002 12.93 3.44 46.23
CA ILE B 1002 11.67 4.17 46.06
C ILE B 1002 11.47 4.60 44.61
N LEU B 1003 12.54 5.10 43.99
CA LEU B 1003 12.42 5.56 42.60
C LEU B 1003 12.07 4.41 41.66
N VAL B 1004 12.77 3.29 41.78
CA VAL B 1004 12.50 2.16 40.89
C VAL B 1004 11.13 1.55 41.20
N PHE B 1005 10.72 1.58 42.47
CA PHE B 1005 9.38 1.12 42.83
C PHE B 1005 8.32 1.98 42.14
N ILE B 1006 8.52 3.30 42.14
CA ILE B 1006 7.56 4.19 41.48
C ILE B 1006 7.51 3.90 39.99
N LEU B 1007 8.67 3.73 39.36
CA LEU B 1007 8.70 3.42 37.93
C LEU B 1007 7.93 2.14 37.62
N ILE B 1008 8.25 1.06 38.32
CA ILE B 1008 7.64 -0.24 38.06
C ILE B 1008 6.14 -0.17 38.32
N PHE B 1009 5.75 0.45 39.44
CA PHE B 1009 4.34 0.56 39.79
C PHE B 1009 3.56 1.29 38.71
N MET B 1010 4.04 2.48 38.30
CA MET B 1010 3.33 3.23 37.28
C MET B 1010 3.20 2.42 36.00
N GLU B 1011 4.18 2.05 35.29
CA GLU B 1011 4.07 1.18 34.11
C GLU B 1011 3.33 -0.11 34.27
N THR B 1012 3.40 -0.89 35.35
CA THR B 1012 2.58 -2.09 35.41
C THR B 1012 1.11 -1.76 35.63
N GLN B 1013 0.81 -0.83 36.54
CA GLN B 1013 -0.57 -0.51 36.84
C GLN B 1013 -1.26 0.17 35.66
N ILE B 1014 -0.57 1.07 34.97
CA ILE B 1014 -1.21 1.72 33.83
C ILE B 1014 -1.42 0.71 32.70
N THR B 1015 -0.46 -0.20 32.50
CA THR B 1015 -0.66 -1.24 31.49
C THR B 1015 -1.85 -2.12 31.82
N THR B 1016 -1.99 -2.51 33.09
CA THR B 1016 -3.11 -3.35 33.49
C THR B 1016 -4.44 -2.60 33.33
N LEU B 1017 -4.44 -1.30 33.63
CA LEU B 1017 -5.64 -0.49 33.42
C LEU B 1017 -6.03 -0.45 31.95
N ILE B 1018 -5.05 -0.26 31.07
CA ILE B 1018 -5.35 -0.19 29.64
C ILE B 1018 -5.86 -1.52 29.13
N ILE B 1019 -5.25 -2.62 29.58
CA ILE B 1019 -5.63 -3.95 29.07
C ILE B 1019 -7.04 -4.31 29.51
N SER B 1020 -7.43 -3.92 30.72
CA SER B 1020 -8.66 -4.39 31.35
C SER B 1020 -9.83 -3.43 31.16
N LYS B 1021 -9.90 -2.76 30.00
CA LYS B 1021 -11.02 -1.87 29.73
C LYS B 1021 -12.31 -2.67 29.57
N LYS B 1022 -13.45 -2.04 29.74
CA LYS B 1022 -14.76 -2.73 29.56
C LYS B 1022 -15.10 -2.94 28.12
N GLU B 1023 -14.55 -2.17 27.22
CA GLU B 1023 -14.81 -2.44 25.82
C GLU B 1023 -14.26 -3.80 25.41
N ARG B 1024 -13.03 -4.21 25.68
CA ARG B 1024 -12.43 -5.53 25.42
C ARG B 1024 -13.06 -6.52 26.37
N MET B 1025 -13.81 -7.50 25.98
CA MET B 1025 -14.69 -8.42 26.71
C MET B 1025 -13.85 -9.40 27.51
N LEU B 1026 -13.35 -8.92 28.66
CA LEU B 1026 -12.62 -9.74 29.60
C LEU B 1026 -13.55 -10.13 30.74
N GLN B 1027 -13.68 -11.42 31.00
CA GLN B 1027 -14.67 -11.94 31.94
C GLN B 1027 -14.09 -12.53 33.20
N LYS B 1028 -12.95 -13.23 33.10
CA LYS B 1028 -12.38 -13.89 34.28
C LYS B 1028 -11.92 -12.89 35.32
N GLY B 1029 -11.35 -11.77 34.89
CA GLY B 1029 -10.96 -10.73 35.82
C GLY B 1029 -9.47 -10.46 35.87
N SER B 1030 -9.10 -9.30 36.39
CA SER B 1030 -7.70 -8.89 36.53
C SER B 1030 -7.35 -8.73 37.99
N GLY B 1031 -6.04 -8.72 38.27
CA GLY B 1031 -5.57 -8.57 39.63
C GLY B 1031 -4.63 -7.40 39.82
N PHE B 1032 -5.06 -6.40 40.59
CA PHE B 1032 -4.21 -5.26 40.90
C PHE B 1032 -3.34 -5.47 42.12
N HIS B 1033 -3.56 -6.56 42.88
CA HIS B 1033 -2.76 -6.88 44.04
C HIS B 1033 -1.83 -8.06 43.83
N LEU B 1034 -2.29 -9.13 43.18
CA LEU B 1034 -1.38 -10.22 42.83
C LEU B 1034 -0.80 -10.04 41.44
N ASP B 1035 -0.35 -8.82 41.14
CA ASP B 1035 0.48 -8.51 39.98
C ASP B 1035 1.68 -7.64 40.31
N LEU B 1036 1.61 -6.84 41.38
CA LEU B 1036 2.73 -6.00 41.80
C LEU B 1036 3.63 -6.72 42.78
N LEU B 1037 3.03 -7.44 43.74
CA LEU B 1037 3.82 -8.21 44.69
C LEU B 1037 4.71 -9.21 43.98
N LEU B 1038 4.15 -9.95 43.02
CA LEU B 1038 4.92 -10.94 42.29
C LEU B 1038 6.08 -10.29 41.54
N ILE B 1039 5.81 -9.22 40.80
CA ILE B 1039 6.84 -8.60 39.97
C ILE B 1039 7.96 -8.03 40.84
N VAL B 1040 7.59 -7.31 41.91
CA VAL B 1040 8.61 -6.67 42.72
C VAL B 1040 9.40 -7.72 43.51
N ALA B 1041 8.75 -8.77 44.01
CA ALA B 1041 9.47 -9.83 44.70
C ALA B 1041 10.43 -10.55 43.76
N MET B 1042 9.98 -10.84 42.53
CA MET B 1042 10.86 -11.48 41.57
C MET B 1042 12.05 -10.59 41.23
N GLY B 1043 11.81 -9.28 41.07
CA GLY B 1043 12.92 -8.38 40.80
C GLY B 1043 13.92 -8.33 41.95
N GLY B 1044 13.42 -8.25 43.18
CA GLY B 1044 14.31 -8.22 44.33
C GLY B 1044 15.11 -9.51 44.47
N ILE B 1045 14.49 -10.65 44.19
CA ILE B 1045 15.21 -11.92 44.28
C ILE B 1045 16.23 -12.03 43.16
N CYS B 1046 15.87 -11.60 41.94
CA CYS B 1046 16.78 -11.70 40.82
C CYS B 1046 17.98 -10.77 40.99
N ALA B 1047 17.79 -9.64 41.69
CA ALA B 1047 18.91 -8.75 41.95
C ALA B 1047 20.00 -9.41 42.78
N LEU B 1048 19.69 -10.51 43.47
CA LEU B 1048 20.72 -11.22 44.24
C LEU B 1048 21.64 -12.01 43.31
N PHE B 1049 21.14 -12.49 42.17
CA PHE B 1049 21.93 -13.23 41.22
C PHE B 1049 22.49 -12.34 40.11
N GLY B 1050 22.27 -11.04 40.18
CA GLY B 1050 22.79 -10.11 39.20
C GLY B 1050 21.91 -9.89 37.98
N LEU B 1051 20.79 -10.58 37.88
CA LEU B 1051 19.88 -10.38 36.77
C LEU B 1051 19.13 -9.05 36.91
N PRO B 1052 18.73 -8.44 35.80
CA PRO B 1052 18.09 -7.13 35.86
C PRO B 1052 16.63 -7.24 36.34
N TRP B 1053 16.07 -6.08 36.66
CA TRP B 1053 14.67 -5.97 37.03
C TRP B 1053 13.81 -5.92 35.77
N LEU B 1054 12.54 -6.31 35.94
CA LEU B 1054 11.61 -6.40 34.83
C LEU B 1054 10.30 -5.73 35.19
N ALA B 1055 9.61 -5.24 34.17
CA ALA B 1055 8.31 -4.61 34.33
C ALA B 1055 7.47 -4.91 33.09
N ALA B 1056 6.16 -4.80 33.25
CA ALA B 1056 5.24 -5.10 32.15
C ALA B 1056 5.46 -4.15 30.98
N ALA B 1057 5.46 -4.70 29.77
CA ALA B 1057 5.64 -3.91 28.55
C ALA B 1057 4.28 -3.55 27.99
N THR B 1058 4.09 -2.28 27.63
CA THR B 1058 2.76 -1.82 27.24
C THR B 1058 2.40 -2.27 25.82
N VAL B 1059 3.27 -1.98 24.84
CA VAL B 1059 2.96 -2.32 23.46
C VAL B 1059 2.88 -3.83 23.27
N ARG B 1060 3.80 -4.57 23.88
CA ARG B 1060 3.78 -6.03 23.75
C ARG B 1060 2.53 -6.61 24.41
N SER B 1061 2.14 -6.11 25.58
CA SER B 1061 0.93 -6.60 26.22
C SER B 1061 -0.30 -6.29 25.41
N VAL B 1062 -0.39 -5.08 24.85
CA VAL B 1062 -1.54 -4.72 24.03
C VAL B 1062 -1.61 -5.58 22.78
N THR B 1063 -0.46 -5.82 22.13
CA THR B 1063 -0.43 -6.67 20.95
C THR B 1063 -0.84 -8.10 21.29
N HIS B 1064 -0.33 -8.63 22.41
CA HIS B 1064 -0.70 -9.97 22.82
C HIS B 1064 -2.19 -10.07 23.14
N ALA B 1065 -2.76 -9.01 23.73
CA ALA B 1065 -4.17 -9.03 24.08
C ALA B 1065 -5.05 -8.97 22.82
N ASN B 1066 -4.70 -8.12 21.87
CA ASN B 1066 -5.53 -7.94 20.68
C ASN B 1066 -5.19 -8.90 19.56
N ALA B 1067 -4.20 -9.77 19.75
CA ALA B 1067 -3.95 -10.86 18.81
C ALA B 1067 -4.79 -12.09 19.11
N LEU B 1068 -5.57 -12.08 20.20
CA LEU B 1068 -6.45 -13.19 20.54
C LEU B 1068 -7.93 -12.81 20.49
N THR B 1069 -8.26 -11.55 20.24
CA THR B 1069 -9.65 -11.14 20.19
C THR B 1069 -10.36 -11.74 18.98
N VAL B 1070 -11.63 -12.06 19.17
CA VAL B 1070 -12.49 -12.59 18.12
C VAL B 1070 -13.56 -11.56 17.81
N MET B 1071 -13.64 -11.14 16.56
CA MET B 1071 -14.58 -10.12 16.14
C MET B 1071 -15.88 -10.76 15.68
N SER B 1072 -17.03 -10.16 15.99
CA SER B 1072 -18.39 -10.68 15.70
C SER B 1072 -18.64 -10.84 14.21
N LYS B 1073 -19.38 -11.90 13.80
CA LYS B 1073 -19.72 -12.10 12.38
C LYS B 1073 -20.81 -11.11 12.13
N ALA B 1074 -20.57 -10.14 11.27
CA ALA B 1074 -21.51 -9.01 11.21
C ALA B 1074 -22.74 -9.19 10.34
N VAL B 1075 -23.22 -8.08 9.80
CA VAL B 1075 -24.41 -8.04 8.94
C VAL B 1075 -24.06 -6.86 8.03
N ALA B 1076 -24.27 -6.94 6.71
CA ALA B 1076 -23.81 -5.85 5.80
C ALA B 1076 -23.81 -4.47 6.46
N PRO B 1077 -24.91 -3.95 7.07
CA PRO B 1077 -24.90 -2.67 7.81
C PRO B 1077 -23.80 -2.40 8.85
N GLY B 1078 -23.54 -3.36 9.74
CA GLY B 1078 -22.61 -3.19 10.87
C GLY B 1078 -21.39 -2.34 10.67
N ASP B 1079 -21.03 -1.56 11.70
CA ASP B 1079 -19.79 -0.75 11.68
C ASP B 1079 -18.61 -1.64 12.04
N LYS B 1080 -17.50 -1.03 12.41
CA LYS B 1080 -16.35 -1.81 12.88
C LYS B 1080 -16.90 -2.92 13.78
N PRO B 1081 -16.79 -4.21 13.39
CA PRO B 1081 -17.41 -5.29 14.13
C PRO B 1081 -17.07 -5.15 15.61
N LYS B 1082 -17.81 -5.82 16.43
CA LYS B 1082 -17.58 -5.48 17.82
C LYS B 1082 -16.80 -6.61 18.44
N ILE B 1083 -16.23 -6.42 19.60
CA ILE B 1083 -15.44 -7.54 20.11
C ILE B 1083 -16.37 -8.52 20.78
N GLN B 1084 -16.30 -9.79 20.35
CA GLN B 1084 -17.15 -10.83 20.90
C GLN B 1084 -16.52 -11.50 22.12
N GLU B 1085 -15.24 -11.83 22.04
CA GLU B 1085 -14.54 -12.46 23.16
C GLU B 1085 -13.06 -12.19 23.01
N VAL B 1086 -12.29 -12.61 24.01
CA VAL B 1086 -10.85 -12.36 24.03
C VAL B 1086 -10.02 -13.64 24.01
N LYS B 1087 -10.54 -14.77 24.50
CA LYS B 1087 -9.82 -16.06 24.48
C LYS B 1087 -8.55 -15.97 25.31
N GLU B 1088 -8.72 -15.73 26.60
CA GLU B 1088 -7.61 -15.59 27.54
C GLU B 1088 -7.26 -16.93 28.16
N GLN B 1089 -5.95 -17.16 28.31
CA GLN B 1089 -5.45 -18.44 28.82
C GLN B 1089 -4.03 -18.23 29.36
N ARG B 1090 -3.50 -19.28 29.98
CA ARG B 1090 -2.19 -19.24 30.63
C ARG B 1090 -1.11 -19.96 29.85
N VAL B 1091 -1.36 -20.34 28.60
CA VAL B 1091 -0.45 -21.19 27.85
C VAL B 1091 0.43 -20.39 26.90
N THR B 1092 -0.14 -19.38 26.24
CA THR B 1092 0.62 -18.63 25.24
C THR B 1092 1.82 -17.92 25.86
N GLY B 1093 1.61 -17.25 27.00
CA GLY B 1093 2.71 -16.55 27.63
C GLY B 1093 3.77 -17.49 28.17
N LEU B 1094 3.35 -18.61 28.75
CA LEU B 1094 4.31 -19.60 29.23
C LEU B 1094 5.14 -20.16 28.09
N LEU B 1095 4.50 -20.48 26.96
CA LEU B 1095 5.23 -21.00 25.81
C LEU B 1095 6.20 -19.96 25.25
N VAL B 1096 5.77 -18.70 25.17
CA VAL B 1096 6.65 -17.65 24.66
C VAL B 1096 7.86 -17.48 25.57
N ALA B 1097 7.64 -17.47 26.88
CA ALA B 1097 8.76 -17.33 27.82
C ALA B 1097 9.72 -18.51 27.71
N LEU B 1098 9.34 -19.72 27.74
CA LEU B 1098 10.27 -20.81 27.55
C LEU B 1098 10.90 -20.72 26.18
N LEU B 1099 10.21 -20.46 25.09
CA LEU B 1099 10.91 -20.37 23.81
C LEU B 1099 12.01 -19.32 23.85
N VAL B 1100 11.74 -18.16 24.47
CA VAL B 1100 12.79 -17.15 24.64
C VAL B 1100 13.92 -17.69 25.48
N GLY B 1101 13.60 -18.49 26.50
CA GLY B 1101 14.64 -19.07 27.33
C GLY B 1101 15.53 -20.05 26.57
N LEU B 1102 14.92 -20.92 25.77
CA LEU B 1102 15.68 -21.95 25.06
C LEU B 1102 16.15 -21.48 23.68
N SER B 1103 16.04 -20.18 23.38
CA SER B 1103 16.49 -19.66 22.09
C SER B 1103 18.00 -19.70 21.93
N ILE B 1104 18.76 -19.85 23.02
CA ILE B 1104 20.20 -19.98 22.92
C ILE B 1104 20.61 -21.30 22.25
N VAL B 1105 19.90 -22.39 22.57
CA VAL B 1105 20.21 -23.69 21.96
C VAL B 1105 20.01 -23.64 20.45
N ILE B 1106 18.89 -23.09 20.00
CA ILE B 1106 18.67 -22.89 18.56
C ILE B 1106 19.21 -21.51 18.17
N GLY B 1107 20.52 -21.44 17.95
CA GLY B 1107 21.15 -20.18 17.61
C GLY B 1107 21.58 -20.14 16.15
N ASP B 1108 21.41 -21.25 15.44
CA ASP B 1108 21.73 -21.33 14.02
C ASP B 1108 20.55 -21.05 13.11
N LEU B 1109 19.33 -21.35 13.56
CA LEU B 1109 18.15 -21.01 12.76
C LEU B 1109 17.88 -19.51 12.81
N LEU B 1110 18.21 -18.87 13.93
CA LEU B 1110 17.94 -17.45 14.09
C LEU B 1110 18.94 -16.57 13.36
N ARG B 1111 20.07 -17.11 12.91
CA ARG B 1111 21.04 -16.33 12.16
C ARG B 1111 20.70 -16.24 10.68
N GLN B 1112 19.61 -16.86 10.23
CA GLN B 1112 19.14 -16.76 8.86
C GLN B 1112 18.08 -15.67 8.67
N ILE B 1113 17.73 -14.96 9.74
CA ILE B 1113 16.66 -13.98 9.73
C ILE B 1113 17.27 -12.58 9.79
N PRO B 1114 17.15 -11.77 8.75
CA PRO B 1114 17.68 -10.41 8.82
C PRO B 1114 16.86 -9.52 9.76
N LEU B 1115 17.50 -8.46 10.23
CA LEU B 1115 16.81 -7.49 11.07
C LEU B 1115 15.84 -6.63 10.28
N ALA B 1116 16.12 -6.37 9.00
CA ALA B 1116 15.26 -5.50 8.21
C ALA B 1116 13.86 -6.08 8.05
N VAL B 1117 13.73 -7.41 8.09
CA VAL B 1117 12.40 -8.02 8.02
C VAL B 1117 11.60 -7.72 9.28
N LEU B 1118 12.25 -7.77 10.45
CA LEU B 1118 11.55 -7.53 11.70
C LEU B 1118 11.15 -6.07 11.87
N PHE B 1119 11.79 -5.15 11.16
CA PHE B 1119 11.41 -3.74 11.27
C PHE B 1119 10.00 -3.51 10.73
N GLY B 1120 9.64 -4.20 9.65
CA GLY B 1120 8.28 -4.10 9.14
C GLY B 1120 7.25 -4.62 10.13
N ILE B 1121 7.57 -5.72 10.82
CA ILE B 1121 6.67 -6.25 11.84
C ILE B 1121 6.54 -5.28 13.00
N PHE B 1122 7.66 -4.66 13.40
CA PHE B 1122 7.61 -3.68 14.49
C PHE B 1122 6.76 -2.47 14.10
N LEU B 1123 6.89 -2.01 12.85
CA LEU B 1123 6.06 -0.90 12.39
C LEU B 1123 4.60 -1.29 12.35
N TYR B 1124 4.31 -2.53 11.93
CA TYR B 1124 2.94 -3.04 11.96
C TYR B 1124 2.38 -3.03 13.38
N MET B 1125 3.17 -3.49 14.35
CA MET B 1125 2.75 -3.45 15.76
C MET B 1125 2.47 -2.04 16.21
N GLY B 1126 3.39 -1.11 15.92
CA GLY B 1126 3.21 0.27 16.37
C GLY B 1126 1.99 0.93 15.78
N VAL B 1127 1.75 0.72 14.48
CA VAL B 1127 0.58 1.33 13.84
C VAL B 1127 -0.70 0.69 14.34
N THR B 1128 -0.72 -0.64 14.46
CA THR B 1128 -1.93 -1.34 14.90
C THR B 1128 -2.31 -1.01 16.34
N SER B 1129 -1.34 -0.83 17.23
CA SER B 1129 -1.63 -0.57 18.63
C SER B 1129 -2.27 0.79 18.87
N LEU B 1130 -2.28 1.68 17.88
CA LEU B 1130 -2.82 3.03 18.09
C LEU B 1130 -4.34 3.02 18.22
N ASN B 1131 -5.02 2.20 17.43
CA ASN B 1131 -6.48 2.26 17.41
C ASN B 1131 -7.06 1.70 18.71
N GLY B 1132 -8.17 2.28 19.13
CA GLY B 1132 -8.84 1.90 20.37
C GLY B 1132 -8.82 2.95 21.45
N ILE B 1133 -8.07 4.03 21.28
CA ILE B 1133 -7.98 5.11 22.26
C ILE B 1133 -8.67 6.34 21.69
N GLN B 1134 -9.35 7.08 22.55
CA GLN B 1134 -10.18 8.20 22.10
C GLN B 1134 -9.35 9.42 21.72
N PHE B 1135 -8.12 9.54 22.23
CA PHE B 1135 -7.31 10.71 21.92
C PHE B 1135 -6.92 10.72 20.44
N TYR B 1136 -6.62 9.54 19.87
CA TYR B 1136 -6.33 9.45 18.45
C TYR B 1136 -7.55 9.84 17.62
N GLU B 1137 -8.75 9.40 18.04
CA GLU B 1137 -9.96 9.75 17.32
C GLU B 1137 -10.22 11.25 17.38
N ARG B 1138 -10.02 11.87 18.54
CA ARG B 1138 -10.20 13.31 18.64
C ARG B 1138 -9.12 14.08 17.90
N LEU B 1139 -7.94 13.48 17.70
CA LEU B 1139 -6.95 14.07 16.81
C LEU B 1139 -7.40 14.00 15.36
N HIS B 1140 -8.02 12.88 14.98
CA HIS B 1140 -8.58 12.76 13.62
C HIS B 1140 -9.67 13.80 13.39
N LEU B 1141 -10.51 14.03 14.39
CA LEU B 1141 -11.62 14.97 14.24
C LEU B 1141 -11.19 16.41 14.03
N LEU B 1142 -9.91 16.73 14.29
CA LEU B 1142 -9.45 18.10 14.07
C LEU B 1142 -9.47 18.48 12.60
N LEU B 1143 -9.14 17.53 11.73
CA LEU B 1143 -9.00 17.83 10.30
C LEU B 1143 -10.32 17.74 9.55
N MET B 1144 -11.26 16.92 10.02
CA MET B 1144 -12.52 16.77 9.30
C MET B 1144 -13.43 17.97 9.54
N PRO B 1145 -14.24 18.37 8.55
CA PRO B 1145 -15.18 19.46 8.77
C PRO B 1145 -16.26 19.04 9.76
N PRO B 1146 -16.88 19.99 10.45
CA PRO B 1146 -17.78 19.65 11.57
C PRO B 1146 -19.02 18.88 11.17
N LYS B 1147 -19.32 18.79 9.88
CA LYS B 1147 -20.51 18.09 9.41
C LYS B 1147 -20.26 16.61 9.13
N HIS B 1148 -19.02 16.15 9.26
CA HIS B 1148 -18.70 14.74 9.05
C HIS B 1148 -18.36 14.01 10.34
N HIS B 1149 -18.55 14.65 11.49
CA HIS B 1149 -18.24 14.01 12.76
C HIS B 1149 -19.18 12.84 13.00
N PRO B 1150 -18.71 11.76 13.64
CA PRO B 1150 -19.55 10.58 13.85
C PRO B 1150 -20.62 10.78 14.90
N ASP B 1151 -21.36 9.71 15.21
CA ASP B 1151 -22.47 9.75 16.15
C ASP B 1151 -22.07 9.24 17.53
N VAL B 1152 -20.84 9.53 17.98
CA VAL B 1152 -20.42 9.10 19.30
C VAL B 1152 -20.98 10.06 20.36
N THR B 1153 -20.89 9.63 21.62
CA THR B 1153 -21.57 10.35 22.69
C THR B 1153 -20.87 11.66 23.05
N TYR B 1154 -19.57 11.76 22.79
CA TYR B 1154 -18.83 12.95 23.17
C TYR B 1154 -18.80 14.02 22.09
N VAL B 1155 -19.47 13.81 20.96
CA VAL B 1155 -19.57 14.82 19.92
C VAL B 1155 -20.95 15.47 19.98
N LYS B 1156 -21.97 14.65 20.24
CA LYS B 1156 -23.35 15.15 20.23
C LYS B 1156 -23.62 16.08 21.41
N LYS B 1157 -23.07 15.75 22.58
CA LYS B 1157 -23.37 16.48 23.81
C LYS B 1157 -22.32 17.54 24.14
N VAL B 1158 -21.29 17.70 23.29
CA VAL B 1158 -20.23 18.67 23.54
C VAL B 1158 -20.09 19.57 22.31
N ARG B 1159 -19.94 20.87 22.54
CA ARG B 1159 -19.75 21.81 21.45
C ARG B 1159 -18.44 21.51 20.71
N THR B 1160 -18.41 21.88 19.44
CA THR B 1160 -17.25 21.58 18.60
C THR B 1160 -16.00 22.29 19.08
N LEU B 1161 -16.11 23.55 19.51
CA LEU B 1161 -14.95 24.35 19.90
C LEU B 1161 -14.52 24.13 21.34
N ARG B 1162 -15.20 23.27 22.10
CA ARG B 1162 -14.79 22.95 23.45
C ARG B 1162 -14.29 21.52 23.59
N MET B 1163 -14.33 20.72 22.52
CA MET B 1163 -13.61 19.47 22.47
C MET B 1163 -12.22 19.65 21.87
N HIS B 1164 -12.09 20.59 20.93
CA HIS B 1164 -10.78 20.94 20.40
C HIS B 1164 -9.90 21.54 21.48
N LEU B 1165 -10.48 22.30 22.42
CA LEU B 1165 -9.69 22.82 23.53
C LEU B 1165 -9.16 21.71 24.42
N PHE B 1166 -10.00 20.72 24.71
CA PHE B 1166 -9.56 19.56 25.49
C PHE B 1166 -8.42 18.83 24.77
N THR B 1167 -8.57 18.62 23.47
CA THR B 1167 -7.52 17.97 22.70
C THR B 1167 -6.23 18.78 22.70
N ALA B 1168 -6.35 20.11 22.59
CA ALA B 1168 -5.16 20.97 22.60
C ALA B 1168 -4.44 20.91 23.94
N LEU B 1169 -5.19 20.93 25.04
CA LEU B 1169 -4.56 20.82 26.36
C LEU B 1169 -3.88 19.47 26.53
N GLN B 1170 -4.52 18.40 26.06
CA GLN B 1170 -3.91 17.08 26.14
C GLN B 1170 -2.63 17.00 25.31
N LEU B 1171 -2.65 17.60 24.12
CA LEU B 1171 -1.45 17.66 23.29
C LEU B 1171 -0.34 18.46 23.95
N LEU B 1172 -0.70 19.56 24.61
CA LEU B 1172 0.31 20.34 25.34
C LEU B 1172 0.95 19.53 26.45
N CYS B 1173 0.14 18.77 27.19
CA CYS B 1173 0.69 17.90 28.23
C CYS B 1173 1.61 16.85 27.64
N LEU B 1174 1.21 16.23 26.52
CA LEU B 1174 2.07 15.22 25.89
C LEU B 1174 3.38 15.82 25.40
N ALA B 1175 3.33 17.02 24.81
CA ALA B 1175 4.54 17.68 24.34
C ALA B 1175 5.47 18.02 25.50
N LEU B 1176 4.91 18.49 26.62
CA LEU B 1176 5.72 18.76 27.79
C LEU B 1176 6.37 17.48 28.32
N LEU B 1177 5.62 16.37 28.32
CA LEU B 1177 6.18 15.11 28.76
C LEU B 1177 7.35 14.68 27.87
N TRP B 1178 7.18 14.79 26.55
CA TRP B 1178 8.26 14.43 25.63
C TRP B 1178 9.48 15.32 25.83
N ALA B 1179 9.26 16.62 25.98
CA ALA B 1179 10.39 17.54 26.17
C ALA B 1179 11.14 17.24 27.46
N VAL B 1180 10.41 16.93 28.54
CA VAL B 1180 11.06 16.59 29.80
C VAL B 1180 11.82 15.27 29.66
N MET B 1181 11.26 14.32 28.89
CA MET B 1181 11.92 13.04 28.71
C MET B 1181 13.22 13.21 27.92
N SER B 1182 13.24 14.14 26.97
CA SER B 1182 14.39 14.28 26.07
C SER B 1182 15.50 15.15 26.63
N THR B 1183 15.34 15.74 27.81
CA THR B 1183 16.37 16.62 28.37
C THR B 1183 17.34 15.81 29.22
N ALA B 1184 18.23 16.50 29.94
CA ALA B 1184 19.24 15.83 30.75
C ALA B 1184 18.71 15.34 32.08
N ALA B 1185 17.47 15.68 32.45
CA ALA B 1185 16.82 15.19 33.67
C ALA B 1185 15.57 14.44 33.24
N SER B 1186 15.72 13.17 32.91
CA SER B 1186 14.63 12.33 32.44
C SER B 1186 14.13 11.35 33.49
N LEU B 1187 14.71 11.37 34.70
CA LEU B 1187 14.25 10.49 35.76
C LEU B 1187 13.08 11.07 36.53
N ALA B 1188 12.69 12.32 36.26
CA ALA B 1188 11.52 12.93 36.85
C ALA B 1188 10.26 12.71 36.01
N PHE B 1189 10.35 11.90 34.96
CA PHE B 1189 9.20 11.64 34.11
C PHE B 1189 8.03 11.00 34.86
N PRO B 1190 8.24 9.99 35.71
CA PRO B 1190 7.09 9.45 36.46
C PRO B 1190 6.39 10.48 37.34
N PHE B 1191 7.13 11.40 37.95
CA PHE B 1191 6.51 12.43 38.77
C PHE B 1191 5.72 13.43 37.92
N ILE B 1192 6.25 13.80 36.75
CA ILE B 1192 5.51 14.69 35.86
C ILE B 1192 4.23 14.00 35.38
N LEU B 1193 4.30 12.69 35.11
CA LEU B 1193 3.10 11.95 34.73
C LEU B 1193 2.09 11.90 35.88
N ILE B 1194 2.58 11.73 37.12
CA ILE B 1194 1.71 11.70 38.28
C ILE B 1194 1.03 13.06 38.47
N LEU B 1195 1.73 14.14 38.15
CA LEU B 1195 1.17 15.48 38.36
C LEU B 1195 -0.04 15.76 37.47
N THR B 1196 -0.31 14.92 36.47
CA THR B 1196 -1.50 15.13 35.65
C THR B 1196 -2.79 14.87 36.43
N VAL B 1197 -2.74 13.96 37.41
CA VAL B 1197 -3.95 13.69 38.20
C VAL B 1197 -4.41 14.91 38.99
N PRO B 1198 -3.56 15.60 39.75
CA PRO B 1198 -4.03 16.86 40.37
C PRO B 1198 -4.46 17.90 39.36
N LEU B 1199 -3.84 17.93 38.18
CA LEU B 1199 -4.30 18.85 37.13
C LEU B 1199 -5.75 18.60 36.78
N ARG B 1200 -6.08 17.35 36.45
CA ARG B 1200 -7.46 16.99 36.13
C ARG B 1200 -8.40 17.24 37.31
N MET B 1201 -7.95 16.96 38.53
CA MET B 1201 -8.83 17.07 39.67
C MET B 1201 -9.02 18.51 40.16
N VAL B 1202 -8.18 19.45 39.74
CA VAL B 1202 -8.30 20.82 40.23
C VAL B 1202 -8.48 21.81 39.09
N VAL B 1203 -7.50 21.89 38.19
CA VAL B 1203 -7.46 22.99 37.22
C VAL B 1203 -8.54 22.80 36.16
N LEU B 1204 -8.63 21.58 35.60
CA LEU B 1204 -9.59 21.34 34.53
C LEU B 1204 -11.03 21.37 35.02
N THR B 1205 -11.25 21.24 36.33
CA THR B 1205 -12.61 21.34 36.86
C THR B 1205 -13.18 22.73 36.70
N ARG B 1206 -12.35 23.76 36.89
CA ARG B 1206 -12.83 25.14 36.78
C ARG B 1206 -13.16 25.50 35.34
N ILE B 1207 -12.33 25.06 34.38
CA ILE B 1207 -12.50 25.49 32.99
C ILE B 1207 -13.77 24.89 32.39
N PHE B 1208 -13.98 23.59 32.59
CA PHE B 1208 -15.09 22.89 31.97
C PHE B 1208 -16.21 22.66 32.97
N THR B 1209 -17.44 22.59 32.47
CA THR B 1209 -18.58 22.31 33.31
C THR B 1209 -18.65 20.82 33.64
N ASP B 1210 -19.59 20.47 34.52
CA ASP B 1210 -19.72 19.08 34.95
C ASP B 1210 -20.11 18.16 33.81
N ARG B 1211 -21.05 18.58 32.97
CA ARG B 1211 -21.50 17.72 31.87
C ARG B 1211 -20.39 17.47 30.86
N GLU B 1212 -19.62 18.51 30.52
CA GLU B 1212 -18.55 18.35 29.55
C GLU B 1212 -17.48 17.38 30.07
N MET B 1213 -17.09 17.52 31.33
CA MET B 1213 -16.09 16.61 31.89
C MET B 1213 -16.64 15.20 31.99
N LYS B 1214 -17.91 15.05 32.36
CA LYS B 1214 -18.50 13.72 32.46
C LYS B 1214 -18.54 13.03 31.11
N CYS B 1215 -18.85 13.77 30.05
CA CYS B 1215 -18.96 13.17 28.72
C CYS B 1215 -17.58 12.94 28.09
N LEU B 1216 -16.62 13.83 28.33
CA LEU B 1216 -15.36 13.78 27.59
C LEU B 1216 -14.51 12.59 28.02
N ASP B 1217 -14.36 12.37 29.32
CA ASP B 1217 -13.58 11.24 29.83
C ASP B 1217 -14.43 10.42 30.81
N ALA B 1218 -15.11 9.45 30.31
CA ALA B 1218 -15.98 8.66 31.12
C ALA B 1218 -15.33 7.33 31.40
N ASN B 1219 -15.62 6.76 32.55
CA ASN B 1219 -15.03 5.49 32.96
C ASN B 1219 -15.41 4.37 32.02
N GLU B 1220 -16.40 4.57 31.17
CA GLU B 1220 -16.86 3.45 30.32
C GLU B 1220 -17.33 3.98 28.98
N ALA B 1221 -17.89 3.10 28.19
CA ALA B 1221 -18.33 3.49 26.84
C ALA B 1221 -19.76 3.94 26.98
N GLU B 1222 -20.30 4.63 26.00
CA GLU B 1222 -21.57 5.32 26.25
C GLU B 1222 -21.23 6.12 27.52
N PRO B 1223 -22.12 6.58 28.38
CA PRO B 1223 -21.70 7.17 29.62
C PRO B 1223 -22.88 7.02 30.60
OAE 4KU C . 1.30 -1.45 -24.09
SBA 4KU C . 1.43 -2.15 -25.41
OAA 4KU C . 0.91 -1.29 -26.53
OAB 4KU C . 0.51 -3.34 -25.50
CAY 4KU C . 3.16 -2.61 -25.68
CAO 4KU C . 4.08 -2.07 -24.80
CAU 4KU C . 5.43 -2.37 -24.92
NAS 4KU C . 6.37 -1.78 -23.99
CAI 4KU C . 6.06 -0.53 -23.32
SAG 4KU C . 5.42 0.62 -24.56
CAK 4KU C . 5.86 -3.20 -25.93
CAM 4KU C . 4.94 -3.74 -26.81
CAW 4KU C . 3.59 -3.46 -26.69
CAQ 4KU C . 2.61 -4.08 -27.70
CAR 4KU C . 2.51 -5.59 -27.45
CAX 4KU C . 1.90 -6.32 -28.65
CAN 4KU C . 0.48 -6.52 -28.67
CAL 4KU C . 0.03 -7.20 -29.79
CAV 4KU C . 0.73 -7.72 -30.88
NAT 4KU C . 0.11 -8.42 -31.99
CAJ 4KU C . -1.27 -8.17 -32.35
SAH 4KU C . -1.53 -8.71 -34.07
CAP 4KU C . 2.14 -7.50 -30.80
CAZ 4KU C . 2.77 -6.81 -29.71
SBB 4KU C . 4.56 -6.58 -29.71
OAF 4KU C . 4.94 -5.12 -29.68
OAD 4KU C . 5.15 -6.98 -31.03
OAC 4KU C . 5.21 -7.34 -28.58
OAE 4KU D . 10.70 0.86 21.67
SBA 4KU D . 11.40 1.51 22.83
OAA 4KU D . 11.28 0.68 24.07
OAB 4KU D . 10.71 2.79 23.24
CAY 4KU D . 13.13 1.81 22.39
CAO 4KU D . 13.58 1.20 21.23
CAU 4KU D . 14.90 1.36 20.81
NAS 4KU D . 15.34 0.70 19.60
CAI 4KU D . 14.68 -0.50 19.13
SAG 4KU D . 14.46 -1.43 20.66
CAK 4KU D . 15.76 2.13 21.56
CAM 4KU D . 15.31 2.74 22.72
CAW 4KU D . 14.00 2.58 23.14
CAQ 4KU D . 13.56 3.28 24.44
CAR 4KU D . 13.51 4.79 24.22
CAX 4KU D . 13.49 5.56 25.55
CAN 4KU D . 12.22 5.88 26.12
CAL 4KU D . 12.26 6.59 27.33
CAV 4KU D . 13.41 7.01 28.03
NAT 4KU D . 13.35 7.75 29.27
CAJ 4KU D . 12.20 7.62 30.16
SAH 4KU D . 12.68 8.16 31.82
CAP 4KU D . 14.66 6.67 27.41
CAZ 4KU D . 14.74 5.94 26.17
SBB 4KU D . 16.37 5.54 25.47
OAF 4KU D . 16.56 4.05 25.33
OAD 4KU D . 17.46 5.86 26.47
OAC 4KU D . 16.59 6.26 24.17
#